data_3NYD
#
_entry.id   3NYD
#
_cell.length_a   75.766
_cell.length_b   78.054
_cell.length_c   98.203
_cell.angle_alpha   90.00
_cell.angle_beta   90.00
_cell.angle_gamma   90.00
#
_symmetry.space_group_name_H-M   'P 21 21 21'
#
loop_
_entity.id
_entity.type
_entity.pdbx_description
1 polymer Endo-1,4-beta-xylanase
2 non-polymer 5-nitro-1H-benzotriazole
3 non-polymer 'ACETATE ION'
4 non-polymer 'SULFATE ION'
5 water water
#
_entity_poly.entity_id   1
_entity_poly.type   'polypeptide(L)'
_entity_poly.pdbx_seq_one_letter_code
;EAAQSVDQLIKARGKVYFGVATDQNRLTTGKNAAIIQADFGMVWPENSMKWDATEPSQGNFNFAGADYLVNWAQQNGKLI
GGGMLVWHSQLPSWVSSITDKNTLTNVMKNHITTLMTRYKGKIRAWDVVGEAFNEDGSLRQTVFLNVIGEDYIPIAFQTA
RAADPNAKLYIMDYNLDSASYPKTQAIVNRVKQWRAAGVPIDGIGSQTHLSAGQGAGVLQALPLLASAGTPEVSILMLDV
AGASPTDYVNVVNACLNVQSCVGISVFGVADPDSWRASTTPLLFDGNFNPKPAYNAIVQDLQQGSIEGRGHHHHHH
;
_entity_poly.pdbx_strand_id   A,B
#
loop_
_chem_comp.id
_chem_comp.type
_chem_comp.name
_chem_comp.formula
3NY non-polymer 5-nitro-1H-benzotriazole 'C6 H4 N4 O2'
ACT non-polymer 'ACETATE ION' 'C2 H3 O2 -1'
SO4 non-polymer 'SULFATE ION' 'O4 S -2'
#
# COMPACT_ATOMS: atom_id res chain seq x y z
C GLU A 1 -27.88 16.05 -0.34
N ALA A 2 -28.96 16.59 -0.90
CA ALA A 2 -29.12 16.81 -2.32
C ALA A 2 -28.00 17.65 -2.90
N ALA A 3 -27.57 17.26 -4.11
CA ALA A 3 -26.73 18.18 -4.94
C ALA A 3 -25.48 18.58 -4.20
N GLN A 4 -24.66 17.55 -3.78
CA GLN A 4 -23.39 17.50 -3.08
C GLN A 4 -22.18 16.83 -3.85
N SER A 5 -22.35 16.30 -5.03
CA SER A 5 -21.23 15.90 -5.89
C SER A 5 -20.72 17.01 -6.76
N VAL A 6 -19.48 17.39 -6.59
CA VAL A 6 -18.92 18.42 -7.42
C VAL A 6 -18.85 18.00 -8.87
N ASP A 7 -18.59 16.68 -9.12
CA ASP A 7 -18.55 16.20 -10.49
C ASP A 7 -19.93 16.31 -11.17
N GLN A 8 -20.94 15.86 -10.50
CA GLN A 8 -22.28 15.94 -11.07
C GLN A 8 -22.68 17.43 -11.34
N LEU A 9 -22.30 18.27 -10.39
CA LEU A 9 -22.65 19.71 -10.57
C LEU A 9 -21.88 20.33 -11.65
N ILE A 10 -20.56 19.97 -11.86
CA ILE A 10 -19.81 20.57 -12.87
C ILE A 10 -20.21 20.09 -14.26
N LYS A 11 -20.67 18.83 -14.34
CA LYS A 11 -21.20 18.35 -15.57
C LYS A 11 -22.48 19.06 -15.98
N ALA A 12 -23.28 19.42 -14.98
CA ALA A 12 -24.51 20.20 -15.26
C ALA A 12 -24.22 21.57 -15.80
N ARG A 13 -23.04 22.10 -15.54
CA ARG A 13 -22.56 23.35 -16.09
C ARG A 13 -21.87 23.20 -17.42
N GLY A 14 -21.82 21.98 -17.97
CA GLY A 14 -21.33 21.75 -19.28
C GLY A 14 -19.89 21.24 -19.38
N LYS A 15 -19.27 21.00 -18.24
CA LYS A 15 -17.89 20.55 -18.21
C LYS A 15 -17.88 18.96 -18.25
N VAL A 16 -16.67 18.43 -18.46
CA VAL A 16 -16.53 16.96 -18.55
C VAL A 16 -16.43 16.36 -17.20
N TYR A 17 -15.65 16.89 -16.27
CA TYR A 17 -15.43 16.17 -15.00
C TYR A 17 -14.88 17.09 -13.89
N PHE A 18 -15.01 16.61 -12.68
CA PHE A 18 -14.19 16.97 -11.56
C PHE A 18 -13.49 15.67 -11.10
N GLY A 19 -12.22 15.76 -11.05
CA GLY A 19 -11.42 14.49 -10.88
C GLY A 19 -10.52 14.60 -9.72
N VAL A 20 -9.75 13.47 -9.54
CA VAL A 20 -8.91 13.34 -8.39
C VAL A 20 -7.77 12.27 -8.64
N ALA A 21 -6.60 12.50 -8.08
CA ALA A 21 -5.57 11.47 -8.12
C ALA A 21 -5.78 10.41 -7.05
N THR A 22 -5.51 9.14 -7.42
CA THR A 22 -5.65 8.05 -6.47
C THR A 22 -4.76 6.88 -6.90
N ASP A 23 -4.89 5.80 -6.17
CA ASP A 23 -4.18 4.55 -6.52
C ASP A 23 -4.69 3.47 -5.60
N GLN A 24 -4.22 2.20 -5.85
CA GLN A 24 -4.74 1.06 -5.13
C GLN A 24 -4.80 1.19 -3.64
N ASN A 25 -3.73 1.66 -3.01
CA ASN A 25 -3.80 1.68 -1.56
C ASN A 25 -4.58 2.82 -0.99
N ARG A 26 -4.95 3.80 -1.76
CA ARG A 26 -5.97 4.78 -1.33
C ARG A 26 -7.33 4.16 -1.45
N LEU A 27 -7.60 3.43 -2.48
CA LEU A 27 -8.89 2.81 -2.75
C LEU A 27 -9.26 1.78 -1.73
N THR A 28 -8.27 1.21 -1.08
CA THR A 28 -8.49 0.16 -0.07
C THR A 28 -8.38 0.64 1.37
N THR A 29 -8.24 1.94 1.59
CA THR A 29 -8.07 2.49 2.88
C THR A 29 -8.89 3.77 3.01
N GLY A 30 -9.06 4.23 4.23
CA GLY A 30 -9.74 5.53 4.42
C GLY A 30 -11.14 5.44 3.91
N LYS A 31 -11.67 6.59 3.46
CA LYS A 31 -13.01 6.66 2.84
C LYS A 31 -12.87 7.11 1.36
N ASN A 32 -11.68 6.81 0.77
CA ASN A 32 -11.41 7.36 -0.56
C ASN A 32 -12.32 6.79 -1.59
N ALA A 33 -12.48 5.46 -1.62
CA ALA A 33 -13.31 4.86 -2.64
C ALA A 33 -14.75 5.39 -2.58
N ALA A 34 -15.32 5.50 -1.38
CA ALA A 34 -16.69 5.99 -1.23
C ALA A 34 -16.82 7.41 -1.72
N ILE A 35 -15.87 8.22 -1.37
CA ILE A 35 -15.91 9.64 -1.78
C ILE A 35 -15.76 9.76 -3.27
N ILE A 36 -14.80 9.03 -3.87
CA ILE A 36 -14.65 9.12 -5.29
C ILE A 36 -15.87 8.62 -6.01
N GLN A 37 -16.45 7.49 -5.56
CA GLN A 37 -17.67 7.02 -6.16
C GLN A 37 -18.75 8.11 -6.17
N ALA A 38 -18.96 8.73 -5.03
CA ALA A 38 -20.02 9.71 -4.92
C ALA A 38 -19.75 11.02 -5.62
N ASP A 39 -18.53 11.53 -5.52
CA ASP A 39 -18.26 12.94 -5.78
C ASP A 39 -17.40 13.31 -6.96
N PHE A 40 -16.64 12.34 -7.52
CA PHE A 40 -15.70 12.63 -8.53
C PHE A 40 -15.96 11.80 -9.81
N GLY A 41 -15.65 12.29 -10.96
CA GLY A 41 -15.95 11.62 -12.22
C GLY A 41 -14.75 11.09 -13.00
N MET A 42 -13.58 11.39 -12.54
CA MET A 42 -12.34 10.96 -13.26
C MET A 42 -11.32 10.74 -12.23
N VAL A 43 -10.46 9.70 -12.50
CA VAL A 43 -9.36 9.44 -11.64
C VAL A 43 -8.05 9.38 -12.43
N TRP A 44 -7.00 9.73 -11.78
CA TRP A 44 -5.65 9.79 -12.33
C TRP A 44 -4.76 9.00 -11.35
N PRO A 45 -3.75 8.32 -11.89
CA PRO A 45 -2.77 7.58 -11.08
C PRO A 45 -1.84 8.50 -10.35
N GLU A 46 -1.89 8.50 -9.03
CA GLU A 46 -1.01 9.29 -8.25
C GLU A 46 0.45 8.99 -8.54
N ASN A 47 0.76 7.70 -8.68
CA ASN A 47 2.06 7.23 -8.99
C ASN A 47 2.24 6.05 -9.97
N SER A 48 1.16 5.30 -10.15
CA SER A 48 1.34 3.99 -10.77
C SER A 48 1.61 4.01 -12.24
N MET A 49 1.53 5.14 -12.93
CA MET A 49 1.88 5.29 -14.32
C MET A 49 3.11 6.08 -14.55
N LYS A 50 3.81 6.47 -13.52
CA LYS A 50 5.08 7.21 -13.69
C LYS A 50 6.18 6.23 -14.20
N TRP A 51 7.19 6.81 -14.73
CA TRP A 51 8.19 5.95 -15.39
C TRP A 51 8.93 5.03 -14.41
N ASP A 52 9.27 5.54 -13.23
CA ASP A 52 9.89 4.70 -12.21
C ASP A 52 9.02 3.58 -11.73
N ALA A 53 7.70 3.71 -11.82
CA ALA A 53 6.77 2.70 -11.39
C ALA A 53 6.57 1.69 -12.49
N THR A 54 6.58 2.13 -13.76
CA THR A 54 6.22 1.30 -14.88
C THR A 54 7.36 0.69 -15.72
N GLU A 55 8.49 1.27 -15.74
CA GLU A 55 9.61 0.72 -16.56
C GLU A 55 10.88 0.82 -15.81
N PRO A 56 11.02 0.05 -14.71
CA PRO A 56 12.16 0.18 -13.88
C PRO A 56 13.49 -0.31 -14.45
N SER A 57 13.45 -1.09 -15.54
CA SER A 57 14.67 -1.41 -16.31
C SER A 57 14.25 -1.41 -17.75
N GLN A 58 15.17 -1.31 -18.71
CA GLN A 58 14.82 -1.05 -20.05
C GLN A 58 13.92 -2.13 -20.59
N GLY A 59 12.79 -1.88 -21.16
CA GLY A 59 11.93 -2.78 -21.75
C GLY A 59 11.18 -3.70 -20.81
N ASN A 60 11.42 -3.61 -19.52
CA ASN A 60 10.76 -4.40 -18.53
C ASN A 60 9.70 -3.58 -17.76
N PHE A 61 8.46 -3.94 -17.98
CA PHE A 61 7.39 -3.02 -17.46
C PHE A 61 6.72 -3.60 -16.21
N ASN A 62 6.16 -2.71 -15.37
CA ASN A 62 5.44 -3.15 -14.22
C ASN A 62 4.00 -2.57 -14.36
N PHE A 63 3.00 -3.32 -14.61
CA PHE A 63 1.62 -2.81 -14.80
C PHE A 63 0.63 -3.24 -13.73
C PHE A 63 0.70 -3.10 -13.65
N ALA A 64 1.04 -3.94 -12.66
CA ALA A 64 0.07 -4.33 -11.69
C ALA A 64 -0.70 -3.12 -11.07
N GLY A 65 0.06 -2.14 -10.65
CA GLY A 65 -0.62 -0.98 -10.02
C GLY A 65 -1.50 -0.22 -10.94
N ALA A 66 -1.04 0.05 -12.12
CA ALA A 66 -1.83 0.80 -13.12
C ALA A 66 -3.06 0.02 -13.50
N ASP A 67 -2.88 -1.37 -13.70
CA ASP A 67 -4.01 -2.13 -14.02
C ASP A 67 -5.08 -2.05 -12.91
N TYR A 68 -4.69 -2.10 -11.67
CA TYR A 68 -5.64 -2.06 -10.58
C TYR A 68 -6.52 -0.78 -10.71
N LEU A 69 -5.85 0.34 -10.96
CA LEU A 69 -6.57 1.63 -11.06
C LEU A 69 -7.47 1.65 -12.24
N VAL A 70 -6.97 1.22 -13.42
CA VAL A 70 -7.80 1.21 -14.58
C VAL A 70 -9.04 0.36 -14.40
N ASN A 71 -8.86 -0.86 -13.81
CA ASN A 71 -9.97 -1.66 -13.58
C ASN A 71 -11.01 -1.07 -12.63
N TRP A 72 -10.47 -0.52 -11.56
CA TRP A 72 -11.40 0.09 -10.56
C TRP A 72 -12.23 1.21 -11.23
N ALA A 73 -11.54 2.01 -12.02
CA ALA A 73 -12.24 3.16 -12.67
C ALA A 73 -13.32 2.59 -13.62
N GLN A 74 -12.98 1.53 -14.35
CA GLN A 74 -13.97 0.96 -15.24
C GLN A 74 -15.14 0.38 -14.47
N GLN A 75 -14.88 -0.33 -13.39
CA GLN A 75 -15.89 -0.93 -12.65
C GLN A 75 -16.82 0.06 -11.96
N ASN A 76 -16.30 1.27 -11.70
CA ASN A 76 -17.05 2.31 -11.01
C ASN A 76 -17.50 3.42 -11.92
N GLY A 77 -17.40 3.26 -13.20
CA GLY A 77 -17.91 4.22 -14.16
C GLY A 77 -17.24 5.57 -14.11
N LYS A 78 -15.94 5.59 -13.92
CA LYS A 78 -15.13 6.81 -13.92
C LYS A 78 -14.26 6.91 -15.10
N LEU A 79 -14.06 8.10 -15.64
CA LEU A 79 -13.06 8.36 -16.61
C LEU A 79 -11.69 8.16 -15.99
N ILE A 80 -10.69 7.89 -16.89
CA ILE A 80 -9.35 7.63 -16.39
C ILE A 80 -8.40 8.48 -17.19
N GLY A 81 -7.48 9.13 -16.52
CA GLY A 81 -6.34 9.81 -17.10
C GLY A 81 -5.07 9.07 -16.83
N GLY A 82 -4.07 9.31 -17.65
CA GLY A 82 -2.78 8.66 -17.43
C GLY A 82 -1.63 9.63 -17.50
N GLY A 83 -0.50 9.31 -16.89
CA GLY A 83 0.72 10.13 -17.09
C GLY A 83 1.63 9.91 -15.95
N MET A 84 2.81 10.52 -16.02
CA MET A 84 3.26 11.37 -17.13
CA MET A 84 3.22 11.33 -17.14
C MET A 84 4.17 10.45 -17.93
N LEU A 85 4.02 10.46 -19.21
CA LEU A 85 4.84 9.58 -20.04
C LEU A 85 6.25 9.99 -20.21
N VAL A 86 6.52 11.27 -20.39
CA VAL A 86 7.89 11.78 -20.58
C VAL A 86 8.08 12.90 -19.53
N TRP A 87 8.94 12.67 -18.54
CA TRP A 87 9.07 13.57 -17.41
C TRP A 87 10.46 13.28 -16.80
N HIS A 88 11.17 14.29 -16.37
CA HIS A 88 12.46 14.13 -15.79
C HIS A 88 12.51 13.68 -14.36
N SER A 89 11.39 13.88 -13.64
N SER A 89 11.42 13.98 -13.66
CA SER A 89 11.30 13.42 -12.25
CA SER A 89 11.40 13.86 -12.22
C SER A 89 10.81 11.98 -12.23
C SER A 89 11.34 12.39 -11.86
N GLN A 90 11.15 11.27 -11.15
N GLN A 90 12.22 12.03 -10.95
CA GLN A 90 10.77 9.85 -11.03
CA GLN A 90 12.33 10.67 -10.47
C GLN A 90 11.11 9.03 -12.28
C GLN A 90 12.58 9.70 -11.62
N LEU A 91 12.30 9.35 -12.74
N LEU A 91 13.11 10.15 -12.76
CA LEU A 91 12.85 8.82 -14.00
CA LEU A 91 13.44 9.19 -13.87
C LEU A 91 14.07 7.98 -13.63
C LEU A 91 14.33 7.95 -13.44
N PRO A 92 14.04 6.67 -13.91
CA PRO A 92 15.10 5.76 -13.54
C PRO A 92 16.46 6.17 -14.11
N SER A 93 17.51 5.85 -13.38
N SER A 93 17.51 5.80 -13.38
CA SER A 93 18.88 6.14 -13.79
CA SER A 93 18.86 6.18 -13.76
C SER A 93 19.17 5.53 -15.17
C SER A 93 19.26 5.49 -15.08
N TRP A 94 18.63 4.36 -15.44
CA TRP A 94 18.94 3.74 -16.71
C TRP A 94 18.54 4.63 -17.87
N VAL A 95 17.55 5.52 -17.69
CA VAL A 95 17.20 6.33 -18.80
C VAL A 95 18.16 7.54 -18.85
N SER A 96 18.31 8.20 -17.70
CA SER A 96 19.12 9.37 -17.67
C SER A 96 20.56 9.13 -18.04
N SER A 97 21.04 7.87 -18.01
CA SER A 97 22.40 7.51 -18.41
C SER A 97 22.58 7.38 -19.90
N ILE A 98 21.51 7.28 -20.66
CA ILE A 98 21.58 7.16 -22.11
C ILE A 98 22.13 8.38 -22.80
N THR A 99 23.10 8.26 -23.68
CA THR A 99 23.72 9.36 -24.36
C THR A 99 23.45 9.38 -25.82
N ASP A 100 23.05 8.26 -26.40
CA ASP A 100 22.86 8.13 -27.86
C ASP A 100 21.46 8.58 -28.28
N LYS A 101 21.36 9.49 -29.25
CA LYS A 101 20.10 10.01 -29.76
C LYS A 101 19.13 8.92 -30.28
N ASN A 102 19.60 7.97 -31.11
CA ASN A 102 18.69 6.99 -31.60
C ASN A 102 18.19 6.14 -30.47
N THR A 103 19.04 5.80 -29.52
CA THR A 103 18.68 4.86 -28.46
C THR A 103 17.66 5.61 -27.56
N LEU A 104 17.89 6.91 -27.20
CA LEU A 104 16.89 7.54 -26.32
C LEU A 104 15.61 7.74 -27.04
N THR A 105 15.66 8.09 -28.31
CA THR A 105 14.42 8.29 -29.07
C THR A 105 13.59 7.00 -29.04
N ASN A 106 14.20 5.85 -29.32
CA ASN A 106 13.51 4.63 -29.30
C ASN A 106 13.06 4.22 -27.92
N VAL A 107 13.85 4.44 -26.92
CA VAL A 107 13.44 4.13 -25.49
C VAL A 107 12.21 4.96 -25.10
N MET A 108 12.21 6.22 -25.50
CA MET A 108 11.07 7.18 -25.22
C MET A 108 9.84 6.76 -25.95
N LYS A 109 10.00 6.49 -27.27
CA LYS A 109 8.88 6.04 -28.05
C LYS A 109 8.32 4.72 -27.54
N ASN A 110 9.22 3.79 -27.19
CA ASN A 110 8.71 2.51 -26.65
C ASN A 110 7.93 2.59 -25.33
N HIS A 111 8.45 3.55 -24.51
CA HIS A 111 7.76 3.76 -23.23
C HIS A 111 6.31 4.27 -23.48
N ILE A 112 6.27 5.33 -24.34
CA ILE A 112 4.98 5.85 -24.72
C ILE A 112 4.07 4.81 -25.29
N THR A 113 4.60 4.08 -26.33
CA THR A 113 3.75 3.19 -27.05
C THR A 113 3.27 2.05 -26.16
N THR A 114 4.20 1.53 -25.37
CA THR A 114 3.81 0.38 -24.54
C THR A 114 2.65 0.71 -23.57
N LEU A 115 2.79 1.87 -22.88
N LEU A 115 2.80 1.87 -22.90
CA LEU A 115 1.74 2.27 -21.87
CA LEU A 115 1.79 2.26 -21.88
C LEU A 115 0.45 2.53 -22.59
C LEU A 115 0.48 2.56 -22.56
N MET A 116 0.52 3.30 -23.68
CA MET A 116 -0.72 3.73 -24.35
C MET A 116 -1.44 2.62 -25.02
N THR A 117 -0.64 1.65 -25.54
CA THR A 117 -1.23 0.41 -26.19
C THR A 117 -1.90 -0.43 -25.21
N ARG A 118 -1.34 -0.57 -24.04
CA ARG A 118 -1.90 -1.46 -23.04
C ARG A 118 -3.35 -1.08 -22.73
N TYR A 119 -3.56 0.26 -22.61
CA TYR A 119 -4.85 0.84 -22.20
C TYR A 119 -5.58 1.44 -23.38
N LYS A 120 -5.28 1.07 -24.60
CA LYS A 120 -5.81 1.71 -25.78
C LYS A 120 -7.32 1.73 -25.77
N GLY A 121 -7.86 2.95 -25.98
CA GLY A 121 -9.27 3.17 -26.04
C GLY A 121 -9.90 3.38 -24.68
N LYS A 122 -9.17 3.19 -23.56
CA LYS A 122 -9.72 3.30 -22.20
C LYS A 122 -9.39 4.57 -21.43
N ILE A 123 -8.51 5.33 -22.00
CA ILE A 123 -7.91 6.47 -21.29
C ILE A 123 -8.38 7.69 -22.00
N ARG A 124 -9.05 8.58 -21.22
CA ARG A 124 -9.55 9.86 -21.80
C ARG A 124 -8.43 10.73 -22.25
N ALA A 125 -7.43 10.89 -21.48
CA ALA A 125 -6.38 11.80 -21.73
C ALA A 125 -5.07 11.35 -21.11
N TRP A 126 -3.95 11.56 -21.82
CA TRP A 126 -2.62 11.32 -21.33
C TRP A 126 -1.88 12.63 -21.18
N ASP A 127 -1.14 12.78 -20.11
CA ASP A 127 -0.09 13.77 -19.99
C ASP A 127 1.16 13.17 -20.65
N VAL A 128 1.39 13.58 -21.84
CA VAL A 128 2.45 12.97 -22.70
C VAL A 128 3.80 13.51 -22.30
N VAL A 129 3.86 14.86 -22.09
CA VAL A 129 5.09 15.53 -21.70
C VAL A 129 4.79 16.35 -20.47
N GLY A 130 5.56 16.26 -19.42
CA GLY A 130 5.35 17.13 -18.26
C GLY A 130 6.61 17.84 -17.90
N GLU A 131 6.36 19.09 -17.41
CA GLU A 131 7.46 19.88 -16.80
C GLU A 131 8.65 20.12 -17.73
N ALA A 132 8.32 20.46 -18.99
CA ALA A 132 9.34 20.63 -20.02
C ALA A 132 9.96 22.03 -20.02
N PHE A 133 9.44 22.95 -19.22
CA PHE A 133 9.80 24.36 -19.23
C PHE A 133 10.53 24.77 -18.00
N ASN A 134 11.57 25.57 -18.20
CA ASN A 134 12.18 26.30 -17.12
C ASN A 134 11.30 27.51 -16.70
N GLU A 135 11.58 28.09 -15.56
CA GLU A 135 10.79 29.19 -15.02
C GLU A 135 10.90 30.38 -15.92
N ASP A 136 12.03 30.55 -16.63
CA ASP A 136 12.20 31.68 -17.54
C ASP A 136 11.52 31.51 -18.88
N GLY A 137 10.96 30.29 -19.11
CA GLY A 137 10.31 29.94 -20.38
C GLY A 137 11.15 29.19 -21.38
N SER A 138 12.45 29.15 -21.22
CA SER A 138 13.28 28.24 -22.03
C SER A 138 12.89 26.79 -21.73
N LEU A 139 13.25 25.89 -22.65
CA LEU A 139 13.02 24.50 -22.39
C LEU A 139 14.01 23.95 -21.35
N ARG A 140 13.47 23.16 -20.43
CA ARG A 140 14.23 22.50 -19.39
C ARG A 140 15.24 21.52 -19.98
N GLN A 141 16.49 21.57 -19.52
CA GLN A 141 17.58 20.73 -20.07
C GLN A 141 17.56 19.34 -19.45
N THR A 142 16.54 18.57 -19.72
CA THR A 142 16.49 17.19 -19.20
C THR A 142 17.29 16.28 -20.15
N VAL A 143 17.38 14.99 -19.84
CA VAL A 143 18.06 14.06 -20.69
C VAL A 143 17.42 14.11 -22.05
N PHE A 144 16.10 14.21 -22.13
CA PHE A 144 15.40 14.22 -23.41
C PHE A 144 15.89 15.39 -24.27
N LEU A 145 15.84 16.60 -23.71
CA LEU A 145 16.30 17.73 -24.46
C LEU A 145 17.78 17.57 -24.85
N ASN A 146 18.58 17.22 -23.88
CA ASN A 146 20.07 17.18 -24.08
C ASN A 146 20.51 16.19 -25.13
N VAL A 147 19.85 15.03 -25.15
CA VAL A 147 20.25 13.93 -26.04
C VAL A 147 19.48 13.92 -27.33
N ILE A 148 18.17 14.11 -27.30
CA ILE A 148 17.39 14.10 -28.50
C ILE A 148 17.34 15.47 -29.14
N GLY A 149 17.28 16.55 -28.35
CA GLY A 149 17.01 17.88 -28.87
C GLY A 149 15.56 18.23 -28.70
N GLU A 150 15.25 19.42 -29.15
CA GLU A 150 13.88 19.92 -28.98
C GLU A 150 12.86 19.18 -29.79
N ASP A 151 13.28 18.35 -30.75
CA ASP A 151 12.31 17.54 -31.45
C ASP A 151 11.71 16.40 -30.60
N TYR A 152 12.17 16.24 -29.38
CA TYR A 152 11.67 15.13 -28.57
C TYR A 152 10.21 15.40 -28.22
N ILE A 153 9.77 16.67 -28.15
CA ILE A 153 8.41 16.97 -27.91
C ILE A 153 7.50 16.57 -29.08
N PRO A 154 7.81 17.07 -30.31
CA PRO A 154 7.03 16.63 -31.44
C PRO A 154 7.02 15.09 -31.54
N ILE A 155 8.16 14.40 -31.38
CA ILE A 155 8.28 12.94 -31.49
C ILE A 155 7.37 12.28 -30.45
N ALA A 156 7.35 12.82 -29.20
CA ALA A 156 6.57 12.20 -28.18
C ALA A 156 5.06 12.26 -28.52
N PHE A 157 4.59 13.45 -28.97
CA PHE A 157 3.15 13.62 -29.33
C PHE A 157 2.79 12.79 -30.53
N GLN A 158 3.64 12.80 -31.59
CA GLN A 158 3.34 11.98 -32.77
C GLN A 158 3.28 10.49 -32.43
N THR A 159 4.15 10.06 -31.56
CA THR A 159 4.13 8.67 -31.15
C THR A 159 2.92 8.28 -30.39
N ALA A 160 2.51 9.21 -29.49
CA ALA A 160 1.29 9.03 -28.72
C ALA A 160 0.08 8.96 -29.56
N ARG A 161 -0.04 9.90 -30.52
CA ARG A 161 -1.26 9.90 -31.37
C ARG A 161 -1.36 8.56 -32.11
N ALA A 162 -0.23 8.03 -32.62
CA ALA A 162 -0.25 6.77 -33.32
C ALA A 162 -0.67 5.61 -32.42
N ALA A 163 -0.21 5.67 -31.18
CA ALA A 163 -0.46 4.56 -30.26
C ALA A 163 -1.93 4.45 -29.86
N ASP A 164 -2.58 5.62 -29.64
CA ASP A 164 -3.96 5.58 -29.33
C ASP A 164 -4.59 6.87 -29.83
N PRO A 165 -5.17 6.87 -31.03
CA PRO A 165 -5.72 8.08 -31.61
C PRO A 165 -6.93 8.62 -30.87
N ASN A 166 -7.53 7.86 -29.95
CA ASN A 166 -8.74 8.24 -29.25
C ASN A 166 -8.39 9.14 -28.06
N ALA A 167 -7.18 9.10 -27.50
CA ALA A 167 -6.83 9.78 -26.26
C ALA A 167 -6.59 11.25 -26.60
N LYS A 168 -6.98 12.13 -25.69
CA LYS A 168 -6.55 13.53 -25.73
C LYS A 168 -5.12 13.62 -25.22
N LEU A 169 -4.25 14.28 -25.95
CA LEU A 169 -2.85 14.32 -25.62
C LEU A 169 -2.48 15.70 -25.02
N TYR A 170 -1.96 15.74 -23.82
CA TYR A 170 -1.68 16.98 -23.10
C TYR A 170 -0.21 17.19 -22.85
N ILE A 171 0.23 18.42 -22.89
CA ILE A 171 1.41 18.89 -22.24
C ILE A 171 0.99 19.45 -20.90
N MET A 172 1.78 19.30 -19.85
CA MET A 172 1.43 19.88 -18.51
C MET A 172 2.67 20.51 -17.96
N ASP A 173 2.36 21.53 -17.09
CA ASP A 173 3.42 22.16 -16.36
C ASP A 173 2.80 22.88 -15.12
N TYR A 174 3.68 23.20 -14.21
CA TYR A 174 3.32 23.98 -13.01
C TYR A 174 3.85 25.37 -13.11
N ASN A 175 3.41 26.26 -12.18
CA ASN A 175 3.70 27.70 -12.23
C ASN A 175 3.26 28.27 -13.57
N LEU A 176 2.05 27.92 -13.97
CA LEU A 176 1.34 28.58 -15.06
C LEU A 176 0.10 29.33 -14.50
N ASP A 177 0.25 29.76 -13.29
CA ASP A 177 -0.84 30.36 -12.52
C ASP A 177 -0.98 31.87 -12.61
N SER A 178 -0.02 32.53 -13.18
CA SER A 178 -0.04 33.99 -13.35
C SER A 178 0.17 34.34 -14.80
N ALA A 179 -0.66 35.26 -15.31
CA ALA A 179 -0.61 35.62 -16.69
C ALA A 179 0.58 36.43 -17.12
N SER A 180 1.28 37.02 -16.16
CA SER A 180 2.46 37.79 -16.49
C SER A 180 3.74 36.99 -16.40
N TYR A 181 3.63 35.77 -15.83
CA TYR A 181 4.85 34.94 -15.60
C TYR A 181 5.43 34.41 -16.90
N PRO A 182 6.77 34.49 -17.04
CA PRO A 182 7.37 34.08 -18.29
C PRO A 182 7.06 32.65 -18.69
N LYS A 183 6.91 31.76 -17.71
CA LYS A 183 6.68 30.38 -18.07
C LYS A 183 5.27 30.23 -18.69
N THR A 184 4.29 30.99 -18.15
CA THR A 184 2.97 30.91 -18.71
C THR A 184 2.97 31.35 -20.20
N GLN A 185 3.57 32.52 -20.43
CA GLN A 185 3.65 33.05 -21.74
C GLN A 185 4.38 32.10 -22.72
N ALA A 186 5.43 31.54 -22.20
CA ALA A 186 6.26 30.66 -23.04
C ALA A 186 5.56 29.35 -23.50
N ILE A 187 4.80 28.72 -22.60
CA ILE A 187 4.19 27.50 -23.01
C ILE A 187 3.13 27.87 -24.04
N VAL A 188 2.47 29.03 -23.96
CA VAL A 188 1.53 29.29 -24.97
C VAL A 188 2.18 29.47 -26.32
N ASN A 189 3.30 30.21 -26.30
CA ASN A 189 3.91 30.53 -27.57
C ASN A 189 4.46 29.25 -28.25
N ARG A 190 5.04 28.37 -27.43
CA ARG A 190 5.62 27.13 -28.00
C ARG A 190 4.52 26.19 -28.43
N VAL A 191 3.43 26.07 -27.67
CA VAL A 191 2.33 25.20 -28.07
C VAL A 191 1.71 25.71 -29.38
N LYS A 192 1.54 27.04 -29.52
CA LYS A 192 1.08 27.55 -30.81
C LYS A 192 1.92 27.17 -31.96
N GLN A 193 3.20 27.30 -31.77
CA GLN A 193 4.17 26.90 -32.82
C GLN A 193 4.18 25.43 -33.09
N TRP A 194 4.16 24.57 -32.06
CA TRP A 194 4.11 23.15 -32.33
C TRP A 194 2.80 22.79 -33.10
N ARG A 195 1.67 23.37 -32.64
CA ARG A 195 0.42 23.02 -33.33
C ARG A 195 0.43 23.49 -34.78
N ALA A 196 1.04 24.65 -35.03
CA ALA A 196 1.19 25.11 -36.41
C ALA A 196 2.04 24.19 -37.27
N ALA A 197 2.99 23.48 -36.66
CA ALA A 197 3.77 22.43 -37.29
C ALA A 197 3.03 21.07 -37.32
N GLY A 198 1.74 21.04 -36.89
CA GLY A 198 0.97 19.81 -36.92
C GLY A 198 1.22 18.84 -35.75
N VAL A 199 1.93 19.29 -34.71
CA VAL A 199 2.15 18.42 -33.56
C VAL A 199 0.78 18.25 -32.91
N PRO A 200 0.39 17.04 -32.56
CA PRO A 200 -0.99 16.79 -32.01
C PRO A 200 -1.10 17.01 -30.51
N ILE A 201 -0.95 18.28 -30.11
CA ILE A 201 -1.14 18.69 -28.74
C ILE A 201 -2.59 19.11 -28.55
N ASP A 202 -3.38 18.23 -27.93
CA ASP A 202 -4.78 18.50 -27.75
C ASP A 202 -5.05 19.34 -26.51
N GLY A 203 -4.18 19.36 -25.56
CA GLY A 203 -4.48 20.05 -24.28
C GLY A 203 -3.25 20.57 -23.64
N ILE A 204 -3.48 21.67 -22.85
CA ILE A 204 -2.49 22.15 -21.87
C ILE A 204 -3.11 21.92 -20.51
N GLY A 205 -2.38 21.20 -19.66
CA GLY A 205 -2.80 20.92 -18.28
C GLY A 205 -1.98 21.73 -17.32
N SER A 206 -2.68 22.56 -16.55
CA SER A 206 -1.99 23.42 -15.59
C SER A 206 -1.98 22.81 -14.19
N GLN A 207 -0.82 22.32 -13.77
CA GLN A 207 -0.64 21.69 -12.51
C GLN A 207 -0.59 22.78 -11.46
N THR A 208 -1.67 22.90 -10.74
CA THR A 208 -2.01 24.13 -9.97
C THR A 208 -1.77 23.87 -8.51
N HIS A 209 -0.60 24.23 -8.05
CA HIS A 209 -0.19 24.10 -6.69
C HIS A 209 -0.06 25.52 -6.17
N LEU A 210 -1.02 25.96 -5.36
CA LEU A 210 -1.13 27.37 -4.97
C LEU A 210 -0.80 27.59 -3.54
N SER A 211 -0.26 28.78 -3.28
CA SER A 211 -0.24 29.32 -1.93
C SER A 211 -1.45 30.24 -1.72
N ALA A 212 -1.72 30.55 -0.48
CA ALA A 212 -2.90 31.31 -0.12
C ALA A 212 -2.95 32.66 -0.88
N GLY A 213 -4.08 32.90 -1.49
CA GLY A 213 -4.32 34.09 -2.25
C GLY A 213 -3.99 34.00 -3.72
N GLN A 214 -3.38 32.87 -4.17
CA GLN A 214 -3.05 32.78 -5.57
C GLN A 214 -4.17 32.31 -6.51
N GLY A 215 -5.33 31.95 -5.96
CA GLY A 215 -6.42 31.54 -6.80
C GLY A 215 -6.85 32.65 -7.79
N ALA A 216 -6.90 33.92 -7.29
CA ALA A 216 -7.34 35.00 -8.14
C ALA A 216 -6.65 35.13 -9.48
N GLY A 217 -5.34 34.87 -9.43
CA GLY A 217 -4.55 35.03 -10.63
C GLY A 217 -4.83 34.01 -11.78
N VAL A 218 -5.38 32.87 -11.33
CA VAL A 218 -5.74 31.81 -12.30
C VAL A 218 -6.87 32.27 -13.22
N LEU A 219 -7.69 33.30 -12.72
CA LEU A 219 -8.70 33.85 -13.57
C LEU A 219 -8.14 34.55 -14.79
N GLN A 220 -6.92 35.02 -14.77
CA GLN A 220 -6.30 35.57 -15.94
C GLN A 220 -5.38 34.51 -16.62
N ALA A 221 -4.66 33.71 -15.82
CA ALA A 221 -3.69 32.75 -16.44
C ALA A 221 -4.41 31.66 -17.25
N LEU A 222 -5.55 31.21 -16.83
CA LEU A 222 -6.22 30.10 -17.60
C LEU A 222 -6.67 30.48 -19.01
N PRO A 223 -7.31 31.71 -19.14
CA PRO A 223 -7.62 32.17 -20.49
C PRO A 223 -6.38 32.41 -21.35
N LEU A 224 -5.26 32.83 -20.76
CA LEU A 224 -4.08 32.98 -21.51
C LEU A 224 -3.67 31.58 -22.03
N LEU A 225 -3.62 30.55 -21.17
CA LEU A 225 -3.28 29.19 -21.66
C LEU A 225 -4.24 28.83 -22.75
N ALA A 226 -5.53 29.12 -22.64
CA ALA A 226 -6.51 28.75 -23.66
C ALA A 226 -6.17 29.41 -25.02
N SER A 227 -5.48 30.55 -24.98
CA SER A 227 -5.22 31.27 -26.22
C SER A 227 -4.17 30.56 -27.12
N ALA A 228 -3.57 29.50 -26.63
CA ALA A 228 -2.65 28.76 -27.50
C ALA A 228 -3.43 28.01 -28.56
N GLY A 229 -4.73 27.84 -28.41
CA GLY A 229 -5.56 27.21 -29.39
C GLY A 229 -5.70 25.73 -29.31
N THR A 230 -5.30 25.14 -28.18
CA THR A 230 -5.60 23.72 -28.02
C THR A 230 -7.09 23.53 -27.87
N PRO A 231 -7.58 22.37 -28.28
CA PRO A 231 -9.00 22.07 -28.10
C PRO A 231 -9.41 22.08 -26.63
N GLU A 232 -8.50 21.69 -25.74
CA GLU A 232 -8.80 21.60 -24.32
C GLU A 232 -7.72 22.20 -23.52
N VAL A 233 -8.11 22.72 -22.31
CA VAL A 233 -7.17 22.96 -21.23
C VAL A 233 -7.78 22.39 -19.96
N SER A 234 -6.99 22.18 -18.96
CA SER A 234 -7.46 21.64 -17.72
C SER A 234 -6.70 22.24 -16.54
N ILE A 235 -7.32 22.13 -15.35
CA ILE A 235 -6.65 22.35 -14.11
C ILE A 235 -6.39 20.97 -13.50
N LEU A 236 -5.14 20.72 -13.22
N LEU A 236 -5.17 20.75 -13.16
CA LEU A 236 -4.80 19.39 -12.68
CA LEU A 236 -4.71 19.44 -12.83
C LEU A 236 -4.00 19.44 -11.45
C LEU A 236 -3.97 19.43 -11.49
N MET A 237 -4.08 18.38 -10.68
CA MET A 237 -3.29 18.23 -9.50
C MET A 237 -3.49 19.43 -8.54
N LEU A 238 -4.71 19.95 -8.47
CA LEU A 238 -4.97 21.18 -7.70
C LEU A 238 -4.82 20.89 -6.24
N ASP A 239 -4.13 21.82 -5.58
CA ASP A 239 -4.13 21.95 -4.14
C ASP A 239 -3.79 23.38 -3.80
N VAL A 240 -4.20 23.80 -2.58
CA VAL A 240 -4.12 25.26 -2.18
C VAL A 240 -3.75 25.26 -0.72
N ALA A 241 -2.57 25.76 -0.37
CA ALA A 241 -2.20 25.86 1.03
C ALA A 241 -3.25 26.64 1.78
N GLY A 242 -3.74 26.10 2.89
CA GLY A 242 -4.84 26.71 3.68
C GLY A 242 -6.21 26.40 3.21
N ALA A 243 -6.39 25.96 1.97
CA ALA A 243 -7.67 25.52 1.39
C ALA A 243 -8.74 26.56 1.58
N SER A 244 -8.37 27.84 1.35
CA SER A 244 -9.42 28.92 1.43
C SER A 244 -10.53 28.63 0.45
N PRO A 245 -11.79 28.84 0.84
CA PRO A 245 -12.88 28.81 -0.08
C PRO A 245 -12.64 29.67 -1.27
N THR A 246 -12.20 30.93 -0.94
CA THR A 246 -11.99 31.89 -1.99
C THR A 246 -11.01 31.44 -3.11
N ASP A 247 -9.87 30.95 -2.63
CA ASP A 247 -8.89 30.48 -3.63
C ASP A 247 -9.48 29.31 -4.50
N TYR A 248 -10.15 28.39 -3.84
CA TYR A 248 -10.73 27.26 -4.57
C TYR A 248 -11.79 27.65 -5.54
N VAL A 249 -12.70 28.57 -5.09
CA VAL A 249 -13.77 28.99 -5.99
C VAL A 249 -13.24 29.82 -7.13
N ASN A 250 -12.20 30.61 -6.89
CA ASN A 250 -11.65 31.38 -7.98
C ASN A 250 -11.12 30.43 -9.10
N VAL A 251 -10.42 29.31 -8.71
CA VAL A 251 -9.88 28.29 -9.67
C VAL A 251 -11.03 27.69 -10.41
N VAL A 252 -12.06 27.28 -9.71
CA VAL A 252 -13.21 26.71 -10.31
C VAL A 252 -13.81 27.60 -11.37
N ASN A 253 -14.02 28.89 -10.98
CA ASN A 253 -14.62 29.86 -11.88
C ASN A 253 -13.74 30.18 -13.10
N ALA A 254 -12.39 30.10 -12.91
CA ALA A 254 -11.58 30.25 -14.07
C ALA A 254 -11.88 29.18 -15.13
N CYS A 255 -12.04 27.92 -14.64
CA CYS A 255 -12.47 26.84 -15.55
C CYS A 255 -13.83 27.04 -16.18
N LEU A 256 -14.78 27.50 -15.35
CA LEU A 256 -16.10 27.79 -15.94
C LEU A 256 -16.06 28.89 -16.99
N ASN A 257 -15.19 29.89 -16.76
CA ASN A 257 -15.14 31.02 -17.67
C ASN A 257 -14.47 30.74 -18.98
N VAL A 258 -13.68 29.63 -19.04
CA VAL A 258 -12.83 29.28 -20.23
C VAL A 258 -13.56 28.16 -20.93
N GLN A 259 -14.04 28.40 -22.10
CA GLN A 259 -14.89 27.46 -22.81
C GLN A 259 -14.14 26.14 -23.04
N SER A 260 -12.85 26.20 -23.35
CA SER A 260 -12.04 25.00 -23.62
C SER A 260 -11.60 24.27 -22.40
N CYS A 261 -11.82 24.79 -21.21
CA CYS A 261 -11.46 24.04 -19.97
C CYS A 261 -12.45 22.97 -19.75
N VAL A 262 -11.97 21.68 -19.80
CA VAL A 262 -12.87 20.53 -19.68
C VAL A 262 -13.11 20.11 -18.25
N GLY A 263 -12.24 20.51 -17.32
CA GLY A 263 -12.42 20.11 -15.95
C GLY A 263 -11.32 20.44 -15.05
N ILE A 264 -11.46 20.02 -13.81
CA ILE A 264 -10.57 20.27 -12.74
C ILE A 264 -10.33 18.92 -12.00
N SER A 265 -9.10 18.75 -11.61
CA SER A 265 -8.74 17.61 -10.75
CA SER A 265 -8.79 17.61 -10.73
C SER A 265 -7.96 18.08 -9.55
N VAL A 266 -8.27 17.57 -8.39
CA VAL A 266 -7.52 17.81 -7.20
C VAL A 266 -6.49 16.70 -6.90
N PHE A 267 -5.46 17.08 -6.20
CA PHE A 267 -4.29 16.17 -6.00
C PHE A 267 -4.45 15.35 -4.66
C PHE A 267 -4.51 14.79 -5.28
N GLY A 268 -5.55 14.67 -4.59
CA GLY A 268 -5.90 13.72 -3.60
C GLY A 268 -7.23 14.10 -2.97
N VAL A 269 -7.72 13.22 -2.12
CA VAL A 269 -9.01 13.42 -1.41
C VAL A 269 -8.80 14.13 -0.12
N ALA A 270 -8.09 13.56 0.84
CA ALA A 270 -8.04 14.10 2.19
C ALA A 270 -6.65 14.63 2.54
N ASP A 271 -6.59 15.73 3.30
CA ASP A 271 -5.41 16.41 3.73
C ASP A 271 -4.25 15.48 4.15
N PRO A 272 -4.46 14.51 5.03
CA PRO A 272 -3.30 13.75 5.48
C PRO A 272 -2.59 12.94 4.39
N ASP A 273 -3.22 12.76 3.25
CA ASP A 273 -2.65 12.05 2.13
C ASP A 273 -2.05 12.93 1.07
N SER A 274 -1.97 14.21 1.38
CA SER A 274 -1.28 15.20 0.54
C SER A 274 0.24 15.11 0.68
N TRP A 275 0.92 15.40 -0.40
CA TRP A 275 2.34 15.62 -0.38
C TRP A 275 2.76 16.76 0.45
N ARG A 276 1.80 17.67 0.78
CA ARG A 276 2.08 18.79 1.65
C ARG A 276 0.99 18.88 2.73
N ALA A 277 0.84 17.83 3.50
CA ALA A 277 -0.21 17.72 4.47
C ALA A 277 -0.29 18.83 5.50
N SER A 278 0.86 19.28 5.95
CA SER A 278 0.91 20.34 6.95
C SER A 278 0.23 21.66 6.49
N THR A 279 0.09 21.83 5.16
CA THR A 279 -0.62 22.96 4.63
C THR A 279 -2.11 22.73 4.46
N THR A 280 -2.61 21.57 4.83
CA THR A 280 -4.01 21.15 4.76
C THR A 280 -4.68 21.66 3.49
N PRO A 281 -4.21 21.24 2.33
CA PRO A 281 -4.49 21.93 1.10
C PRO A 281 -5.58 21.37 0.24
N LEU A 282 -6.29 20.35 0.74
CA LEU A 282 -7.23 19.60 -0.03
C LEU A 282 -8.68 19.84 0.43
N LEU A 283 -9.67 19.20 -0.12
CA LEU A 283 -11.09 19.45 0.08
C LEU A 283 -11.78 18.69 1.19
N PHE A 284 -11.07 17.63 1.65
CA PHE A 284 -11.59 16.76 2.76
C PHE A 284 -10.53 16.79 3.88
N ASP A 285 -10.98 16.76 5.13
CA ASP A 285 -10.08 16.79 6.24
C ASP A 285 -9.57 15.40 6.63
N GLY A 286 -8.83 15.31 7.72
CA GLY A 286 -8.24 14.05 8.20
C GLY A 286 -9.18 13.03 8.77
N ASN A 287 -10.44 13.51 8.95
CA ASN A 287 -11.56 12.65 9.31
C ASN A 287 -12.49 12.37 8.13
N PHE A 288 -12.08 12.80 6.95
CA PHE A 288 -12.79 12.55 5.71
C PHE A 288 -14.08 13.42 5.60
N ASN A 289 -14.17 14.45 6.38
CA ASN A 289 -15.27 15.36 6.27
C ASN A 289 -15.02 16.47 5.25
N PRO A 290 -16.03 16.82 4.44
CA PRO A 290 -15.84 17.88 3.52
C PRO A 290 -15.52 19.16 4.22
N LYS A 291 -14.59 19.92 3.73
CA LYS A 291 -14.14 21.17 4.30
C LYS A 291 -14.91 22.33 3.74
N PRO A 292 -14.83 23.51 4.39
CA PRO A 292 -15.49 24.68 3.84
C PRO A 292 -15.32 24.99 2.38
N ALA A 293 -14.11 24.66 1.84
CA ALA A 293 -13.86 24.87 0.43
C ALA A 293 -14.72 23.93 -0.43
N TYR A 294 -14.89 22.69 0.03
CA TYR A 294 -15.74 21.81 -0.73
C TYR A 294 -17.18 22.37 -0.83
N ASN A 295 -17.68 22.77 0.32
CA ASN A 295 -19.03 23.32 0.39
C ASN A 295 -19.19 24.62 -0.44
N ALA A 296 -18.14 25.42 -0.47
CA ALA A 296 -18.18 26.63 -1.25
C ALA A 296 -18.13 26.37 -2.72
N ILE A 297 -17.42 25.28 -3.14
CA ILE A 297 -17.51 24.84 -4.55
C ILE A 297 -18.86 24.38 -4.91
N VAL A 298 -19.47 23.58 -4.08
CA VAL A 298 -20.80 23.09 -4.31
C VAL A 298 -21.73 24.29 -4.54
N GLN A 299 -21.69 25.31 -3.64
CA GLN A 299 -22.62 26.45 -3.79
C GLN A 299 -22.29 27.17 -5.08
N ASP A 300 -21.02 27.37 -5.42
CA ASP A 300 -20.65 28.00 -6.63
C ASP A 300 -21.17 27.32 -7.88
N LEU A 301 -21.16 25.98 -7.85
CA LEU A 301 -21.61 25.22 -8.98
C LEU A 301 -23.08 24.94 -9.06
N GLN A 302 -23.78 24.94 -7.95
CA GLN A 302 -25.28 24.79 -8.01
C GLN A 302 -25.85 25.86 -8.86
N GLN A 303 -26.95 25.49 -9.46
CA GLN A 303 -27.67 26.44 -10.29
C GLN A 303 -29.02 26.85 -9.67
N GLY A 304 -29.53 27.98 -10.11
CA GLY A 304 -30.88 28.39 -9.60
C GLY A 304 -32.03 27.49 -10.13
N ALA B 3 7.79 12.75 18.94
CA ALA B 3 7.25 11.93 20.04
C ALA B 3 8.36 10.96 20.45
N GLN B 4 8.45 10.61 21.79
CA GLN B 4 9.43 9.54 22.23
C GLN B 4 9.13 8.27 21.44
N SER B 5 10.18 7.53 21.16
CA SER B 5 10.07 6.39 20.25
C SER B 5 9.66 5.07 20.95
N VAL B 6 8.52 4.53 20.56
CA VAL B 6 8.10 3.27 21.10
C VAL B 6 9.11 2.16 20.67
N ASP B 7 9.74 2.31 19.57
CA ASP B 7 10.74 1.32 19.16
C ASP B 7 11.93 1.33 20.10
N GLN B 8 12.46 2.54 20.39
CA GLN B 8 13.60 2.59 21.28
CA GLN B 8 13.56 2.68 21.30
C GLN B 8 13.20 2.10 22.68
N LEU B 9 11.99 2.42 23.12
CA LEU B 9 11.55 1.99 24.44
C LEU B 9 11.35 0.51 24.51
N ILE B 10 10.82 -0.11 23.48
CA ILE B 10 10.63 -1.57 23.54
C ILE B 10 11.94 -2.30 23.45
N LYS B 11 12.87 -1.73 22.70
CA LYS B 11 14.21 -2.33 22.65
C LYS B 11 14.84 -2.32 24.01
N ALA B 12 14.66 -1.24 24.75
CA ALA B 12 15.17 -1.14 26.12
C ALA B 12 14.57 -2.19 27.07
N ARG B 13 13.40 -2.69 26.75
CA ARG B 13 12.77 -3.79 27.45
C ARG B 13 13.16 -5.15 26.89
N GLY B 14 14.12 -5.26 25.98
CA GLY B 14 14.63 -6.50 25.53
C GLY B 14 13.98 -7.02 24.29
N LYS B 15 13.12 -6.24 23.62
CA LYS B 15 12.48 -6.75 22.41
C LYS B 15 13.26 -6.30 21.18
N VAL B 16 12.92 -6.84 20.04
CA VAL B 16 13.67 -6.57 18.81
C VAL B 16 13.16 -5.23 18.21
N TYR B 17 11.83 -5.03 18.13
CA TYR B 17 11.29 -3.94 17.39
C TYR B 17 9.83 -3.57 17.78
N PHE B 18 9.50 -2.34 17.41
CA PHE B 18 8.13 -1.89 17.26
C PHE B 18 8.04 -1.37 15.82
N GLY B 19 7.22 -2.03 15.01
CA GLY B 19 7.26 -1.82 13.56
C GLY B 19 5.91 -1.31 13.04
N VAL B 20 5.86 -1.14 11.73
CA VAL B 20 4.73 -0.55 11.07
C VAL B 20 4.68 -0.93 9.59
N ALA B 21 3.49 -1.06 9.03
CA ALA B 21 3.33 -1.29 7.61
C ALA B 21 3.33 0.06 6.84
N THR B 22 3.96 0.06 5.68
CA THR B 22 4.09 1.30 4.91
C THR B 22 4.33 0.92 3.45
N ASP B 23 4.53 1.92 2.62
CA ASP B 23 4.90 1.72 1.21
C ASP B 23 5.29 3.05 0.62
N GLN B 24 5.78 3.07 -0.58
CA GLN B 24 6.22 4.27 -1.27
C GLN B 24 5.35 5.48 -1.14
N ASN B 25 4.10 5.32 -1.50
CA ASN B 25 3.23 6.51 -1.48
C ASN B 25 2.88 7.02 -0.12
N ARG B 26 3.05 6.23 0.93
CA ARG B 26 2.95 6.71 2.30
C ARG B 26 4.19 7.50 2.63
N LEU B 27 5.34 7.01 2.19
CA LEU B 27 6.59 7.65 2.52
C LEU B 27 6.74 9.00 1.84
N THR B 28 6.00 9.25 0.79
CA THR B 28 6.05 10.52 0.08
C THR B 28 4.85 11.40 0.31
N THR B 29 4.01 11.10 1.27
CA THR B 29 2.90 11.95 1.64
C THR B 29 2.71 12.01 3.15
N GLY B 30 1.85 12.90 3.60
CA GLY B 30 1.56 13.01 5.02
C GLY B 30 2.84 13.28 5.80
N LYS B 31 2.91 12.72 7.02
CA LYS B 31 4.08 12.85 7.89
C LYS B 31 4.65 11.42 8.14
N ASN B 32 4.32 10.49 7.26
CA ASN B 32 4.63 9.08 7.55
C ASN B 32 6.12 8.87 7.64
N ALA B 33 6.90 9.40 6.68
CA ALA B 33 8.35 9.15 6.72
C ALA B 33 8.95 9.66 8.01
N ALA B 34 8.57 10.86 8.42
CA ALA B 34 9.13 11.45 9.59
C ALA B 34 8.80 10.67 10.85
N ILE B 35 7.54 10.20 10.94
CA ILE B 35 7.15 9.46 12.11
C ILE B 35 7.82 8.09 12.15
N ILE B 36 7.96 7.42 11.02
CA ILE B 36 8.62 6.12 10.95
C ILE B 36 10.08 6.27 11.31
N GLN B 37 10.75 7.26 10.73
CA GLN B 37 12.12 7.55 11.08
C GLN B 37 12.30 7.69 12.55
N ALA B 38 11.42 8.51 13.18
CA ALA B 38 11.59 8.76 14.60
C ALA B 38 11.19 7.62 15.52
N ASP B 39 10.10 6.90 15.23
CA ASP B 39 9.41 6.17 16.22
C ASP B 39 9.31 4.63 16.03
N PHE B 40 9.66 4.15 14.83
CA PHE B 40 9.51 2.71 14.50
C PHE B 40 10.81 2.12 14.02
N GLY B 41 11.07 0.87 14.31
CA GLY B 41 12.33 0.26 13.99
C GLY B 41 12.27 -0.78 12.90
N MET B 42 11.13 -1.12 12.38
CA MET B 42 10.93 -2.15 11.37
C MET B 42 9.78 -1.68 10.49
N VAL B 43 9.90 -1.89 9.20
CA VAL B 43 8.85 -1.65 8.25
C VAL B 43 8.44 -2.91 7.53
N TRP B 44 7.18 -3.01 7.18
CA TRP B 44 6.61 -4.06 6.39
C TRP B 44 5.95 -3.41 5.18
N PRO B 45 5.82 -4.17 4.08
CA PRO B 45 5.13 -3.72 2.87
C PRO B 45 3.66 -3.85 3.09
N GLU B 46 2.92 -2.74 3.10
CA GLU B 46 1.45 -2.74 3.18
C GLU B 46 0.85 -3.59 2.05
N ASN B 47 1.39 -3.40 0.84
CA ASN B 47 0.86 -4.12 -0.37
C ASN B 47 1.92 -4.60 -1.32
N SER B 48 3.12 -4.02 -1.31
CA SER B 48 4.02 -4.18 -2.45
C SER B 48 4.68 -5.57 -2.57
N MET B 49 4.53 -6.46 -1.58
CA MET B 49 5.05 -7.80 -1.67
C MET B 49 3.95 -8.85 -1.75
N LYS B 50 2.70 -8.44 -1.88
CA LYS B 50 1.63 -9.35 -2.08
C LYS B 50 1.68 -10.00 -3.47
N TRP B 51 1.00 -11.14 -3.65
CA TRP B 51 1.16 -11.88 -4.93
C TRP B 51 0.60 -11.04 -6.11
N ASP B 52 -0.53 -10.36 -5.92
CA ASP B 52 -1.13 -9.56 -6.94
CA ASP B 52 -1.10 -9.46 -6.89
C ASP B 52 -0.16 -8.41 -7.36
N ALA B 53 0.63 -7.89 -6.47
CA ALA B 53 1.55 -6.79 -6.72
C ALA B 53 2.80 -7.27 -7.35
N THR B 54 3.27 -8.47 -6.98
CA THR B 54 4.58 -8.94 -7.38
C THR B 54 4.62 -9.92 -8.52
N GLU B 55 3.55 -10.70 -8.77
CA GLU B 55 3.62 -11.68 -9.93
C GLU B 55 2.23 -11.70 -10.56
N PRO B 56 1.88 -10.56 -11.16
CA PRO B 56 0.54 -10.41 -11.68
C PRO B 56 0.19 -11.31 -12.87
N SER B 57 1.17 -11.78 -13.63
CA SER B 57 1.05 -12.85 -14.56
C SER B 57 2.18 -13.79 -14.36
N GLN B 58 2.05 -15.00 -14.89
CA GLN B 58 3.01 -15.99 -14.52
C GLN B 58 4.42 -15.66 -15.03
N GLY B 59 5.39 -15.59 -14.14
CA GLY B 59 6.76 -15.31 -14.45
C GLY B 59 7.08 -13.87 -14.76
N ASN B 60 6.10 -12.99 -14.55
CA ASN B 60 6.22 -11.58 -14.83
C ASN B 60 6.19 -10.86 -13.49
N PHE B 61 7.32 -10.46 -12.96
CA PHE B 61 7.41 -9.98 -11.65
C PHE B 61 7.44 -8.44 -11.68
N ASN B 62 6.84 -7.87 -10.65
CA ASN B 62 6.81 -6.37 -10.46
C ASN B 62 7.45 -6.06 -9.18
N PHE B 63 8.67 -5.58 -9.19
CA PHE B 63 9.43 -5.30 -7.97
C PHE B 63 9.71 -3.84 -7.66
N ALA B 64 9.22 -2.92 -8.50
CA ALA B 64 9.59 -1.54 -8.24
C ALA B 64 9.14 -1.04 -6.87
N GLY B 65 7.89 -1.35 -6.50
CA GLY B 65 7.38 -0.87 -5.22
C GLY B 65 8.10 -1.46 -4.00
N ALA B 66 8.35 -2.77 -4.06
CA ALA B 66 9.06 -3.46 -3.02
C ALA B 66 10.50 -3.01 -2.91
N ASP B 67 11.15 -2.81 -4.07
CA ASP B 67 12.50 -2.31 -4.09
C ASP B 67 12.62 -0.95 -3.41
N TYR B 68 11.64 -0.10 -3.68
CA TYR B 68 11.62 1.18 -3.05
C TYR B 68 11.61 1.14 -1.52
N LEU B 69 10.78 0.25 -0.99
CA LEU B 69 10.68 0.11 0.43
C LEU B 69 11.93 -0.43 1.05
N VAL B 70 12.49 -1.47 0.42
CA VAL B 70 13.69 -2.10 0.94
C VAL B 70 14.81 -1.06 0.98
N ASN B 71 14.97 -0.33 -0.14
CA ASN B 71 16.02 0.69 -0.19
C ASN B 71 15.80 1.79 0.88
N TRP B 72 14.56 2.23 1.07
CA TRP B 72 14.27 3.25 2.09
C TRP B 72 14.61 2.73 3.48
N ALA B 73 14.24 1.47 3.77
CA ALA B 73 14.54 0.90 5.03
C ALA B 73 16.05 0.91 5.27
N GLN B 74 16.81 0.44 4.26
CA GLN B 74 18.27 0.43 4.42
C GLN B 74 18.82 1.81 4.65
N GLN B 75 18.33 2.76 3.87
CA GLN B 75 18.86 4.11 3.98
C GLN B 75 18.55 4.76 5.36
N ASN B 76 17.51 4.29 6.01
CA ASN B 76 17.07 4.89 7.26
C ASN B 76 17.29 4.02 8.45
N GLY B 77 18.04 2.94 8.27
CA GLY B 77 18.41 2.08 9.39
C GLY B 77 17.31 1.29 10.02
N LYS B 78 16.34 0.85 9.24
CA LYS B 78 15.21 0.09 9.70
C LYS B 78 15.31 -1.35 9.31
N LEU B 79 14.85 -2.22 10.17
CA LEU B 79 14.59 -3.60 9.80
C LEU B 79 13.44 -3.73 8.80
N ILE B 80 13.43 -4.80 8.01
CA ILE B 80 12.44 -4.99 7.03
C ILE B 80 11.82 -6.34 7.17
N GLY B 81 10.51 -6.44 7.10
CA GLY B 81 9.80 -7.69 6.97
C GLY B 81 9.20 -7.87 5.60
N GLY B 82 8.89 -9.11 5.23
CA GLY B 82 8.20 -9.37 3.97
C GLY B 82 6.96 -10.20 4.11
N GLY B 83 6.05 -10.07 3.13
CA GLY B 83 4.95 -11.09 3.04
C GLY B 83 3.86 -10.48 2.22
N MET B 84 2.82 -11.26 1.92
CA MET B 84 2.61 -12.68 2.34
C MET B 84 2.93 -13.50 1.09
N LEU B 85 3.71 -14.54 1.30
CA LEU B 85 4.11 -15.35 0.15
C LEU B 85 3.09 -16.33 -0.37
N VAL B 86 2.31 -16.94 0.52
CA VAL B 86 1.19 -17.89 0.19
C VAL B 86 -0.04 -17.43 0.94
N TRP B 87 -1.03 -16.90 0.22
CA TRP B 87 -2.25 -16.33 0.80
C TRP B 87 -3.31 -16.38 -0.27
N HIS B 88 -4.55 -16.57 0.16
CA HIS B 88 -5.71 -16.65 -0.76
C HIS B 88 -6.26 -15.32 -1.17
N SER B 89 -5.95 -14.26 -0.42
CA SER B 89 -6.48 -12.90 -0.76
C SER B 89 -5.48 -12.19 -1.67
N GLN B 90 -5.91 -11.22 -2.48
CA GLN B 90 -5.00 -10.52 -3.39
C GLN B 90 -4.14 -11.53 -4.19
N LEU B 91 -4.90 -12.54 -4.62
CA LEU B 91 -4.33 -13.70 -5.42
C LEU B 91 -4.79 -13.71 -6.88
N PRO B 92 -3.87 -13.52 -7.84
CA PRO B 92 -4.31 -13.43 -9.24
C PRO B 92 -5.10 -14.64 -9.73
N SER B 93 -6.06 -14.41 -10.63
CA SER B 93 -6.91 -15.48 -11.07
C SER B 93 -6.06 -16.51 -11.83
N TRP B 94 -4.88 -16.19 -12.36
CA TRP B 94 -4.05 -17.20 -13.02
C TRP B 94 -3.54 -18.30 -12.10
N VAL B 95 -3.45 -17.97 -10.83
CA VAL B 95 -3.11 -18.94 -9.81
C VAL B 95 -4.34 -19.69 -9.35
N SER B 96 -5.39 -18.95 -8.96
CA SER B 96 -6.56 -19.64 -8.39
C SER B 96 -7.28 -20.54 -9.41
N SER B 97 -7.00 -20.38 -10.71
CA SER B 97 -7.64 -21.20 -11.71
C SER B 97 -6.92 -22.51 -12.00
N ILE B 98 -5.75 -22.67 -11.39
CA ILE B 98 -4.96 -23.87 -11.53
C ILE B 98 -5.65 -25.05 -10.79
N THR B 99 -5.72 -26.19 -11.44
CA THR B 99 -6.43 -27.33 -10.83
C THR B 99 -5.51 -28.54 -10.65
N ASP B 100 -4.35 -28.53 -11.31
CA ASP B 100 -3.39 -29.63 -11.20
C ASP B 100 -2.41 -29.51 -10.02
N LYS B 101 -2.32 -30.57 -9.21
CA LYS B 101 -1.46 -30.59 -8.00
C LYS B 101 -0.01 -30.19 -8.27
N ASN B 102 0.68 -30.82 -9.22
CA ASN B 102 2.09 -30.55 -9.44
C ASN B 102 2.17 -29.13 -9.96
N THR B 103 1.19 -28.74 -10.79
CA THR B 103 1.35 -27.50 -11.51
C THR B 103 1.35 -26.38 -10.42
N LEU B 104 0.37 -26.47 -9.49
N LEU B 104 0.41 -26.48 -9.48
CA LEU B 104 0.26 -25.47 -8.45
CA LEU B 104 0.35 -25.48 -8.44
C LEU B 104 1.37 -25.56 -7.51
C LEU B 104 1.67 -25.54 -7.60
N THR B 105 1.76 -26.77 -7.08
N THR B 105 2.47 -26.66 -7.67
CA THR B 105 2.99 -26.88 -6.23
CA THR B 105 3.77 -26.87 -6.88
C THR B 105 4.19 -26.11 -6.78
C THR B 105 5.03 -26.07 -7.33
N ASN B 106 4.41 -26.29 -8.06
N ASN B 106 5.33 -26.09 -8.63
CA ASN B 106 5.53 -25.56 -8.69
CA ASN B 106 6.51 -25.39 -9.12
C ASN B 106 5.33 -24.03 -8.76
C ASN B 106 6.34 -23.86 -9.18
N VAL B 107 4.12 -23.61 -9.11
N VAL B 107 5.16 -23.45 -9.60
CA VAL B 107 3.80 -22.18 -9.07
CA VAL B 107 4.81 -22.05 -9.55
C VAL B 107 4.04 -21.60 -7.69
C VAL B 107 5.06 -21.48 -8.13
N MET B 108 3.58 -22.29 -6.64
N MET B 108 4.73 -22.27 -7.11
CA MET B 108 3.75 -21.80 -5.28
CA MET B 108 4.81 -21.84 -5.70
C MET B 108 5.24 -21.68 -4.94
C MET B 108 6.27 -21.74 -5.29
N LYS B 109 5.99 -22.73 -5.19
N LYS B 109 6.94 -22.88 -5.37
CA LYS B 109 7.50 -22.75 -4.97
CA LYS B 109 8.33 -22.81 -5.10
C LYS B 109 8.26 -21.64 -5.72
C LYS B 109 8.76 -21.67 -5.93
N ASN B 110 8.03 -21.43 -7.01
CA ASN B 110 8.65 -20.44 -7.81
C ASN B 110 8.39 -19.02 -7.24
N HIS B 111 7.18 -18.76 -6.79
CA HIS B 111 6.85 -17.46 -6.25
C HIS B 111 7.67 -17.20 -5.00
N ILE B 112 7.55 -18.19 -4.06
N ILE B 112 8.23 -18.21 -4.30
CA ILE B 112 8.31 -18.10 -2.85
CA ILE B 112 9.18 -17.95 -3.15
C ILE B 112 9.82 -17.88 -3.18
C ILE B 112 10.71 -17.61 -3.41
N THR B 113 10.39 -18.75 -4.00
N THR B 113 11.36 -18.37 -4.27
CA THR B 113 11.80 -18.64 -4.25
CA THR B 113 12.81 -18.23 -4.44
C THR B 113 12.20 -17.33 -4.90
C THR B 113 13.24 -16.88 -5.07
N THR B 114 11.40 -16.89 -5.87
N THR B 114 12.43 -16.34 -5.94
CA THR B 114 11.81 -15.65 -6.62
CA THR B 114 12.74 -15.14 -6.63
C THR B 114 11.79 -14.41 -5.69
C THR B 114 12.69 -13.98 -5.65
N LEU B 115 10.75 -14.30 -4.87
N LEU B 115 11.61 -13.89 -4.85
CA LEU B 115 10.67 -13.16 -3.93
CA LEU B 115 11.46 -12.75 -3.93
C LEU B 115 11.73 -13.20 -2.88
C LEU B 115 12.56 -12.78 -2.91
N MET B 116 11.95 -14.38 -2.28
N MET B 116 12.82 -13.96 -2.35
CA MET B 116 12.88 -14.43 -1.23
CA MET B 116 13.74 -14.06 -1.25
C MET B 116 14.33 -14.32 -1.69
C MET B 116 15.18 -13.90 -1.74
N THR B 117 14.61 -14.82 -2.88
N THR B 117 15.43 -14.36 -2.94
CA THR B 117 15.92 -14.73 -3.47
CA THR B 117 16.74 -14.20 -3.54
C THR B 117 16.27 -13.27 -3.80
C THR B 117 16.88 -12.78 -3.86
N ARG B 118 15.29 -12.43 -4.25
N ARG B 118 15.73 -12.33 -4.33
CA ARG B 118 15.72 -11.05 -4.66
C ARG B 118 16.19 -10.21 -3.45
N TYR B 119 15.60 -10.44 -2.28
CA TYR B 119 15.94 -9.71 -1.06
C TYR B 119 16.72 -10.55 -0.08
N LYS B 120 17.44 -11.54 -0.61
CA LYS B 120 18.14 -12.48 0.25
C LYS B 120 19.07 -11.70 1.17
N GLY B 121 19.03 -12.05 2.45
CA GLY B 121 19.85 -11.43 3.41
C GLY B 121 19.41 -10.08 3.95
N LYS B 122 18.37 -9.52 3.36
CA LYS B 122 17.93 -8.17 3.74
C LYS B 122 16.72 -8.18 4.64
N ILE B 123 15.97 -9.23 4.67
CA ILE B 123 14.69 -9.41 5.27
C ILE B 123 14.80 -10.11 6.60
N ARG B 124 14.38 -9.53 7.70
CA ARG B 124 14.52 -10.22 8.97
C ARG B 124 13.61 -11.43 9.05
N ALA B 125 12.40 -11.32 8.52
CA ALA B 125 11.36 -12.34 8.61
C ALA B 125 10.36 -12.27 7.48
N TRP B 126 9.97 -13.42 6.96
CA TRP B 126 8.96 -13.55 5.97
C TRP B 126 7.75 -14.21 6.63
N ASP B 127 6.59 -13.82 6.20
CA ASP B 127 5.36 -14.53 6.46
C ASP B 127 5.22 -15.43 5.23
N VAL B 128 5.39 -16.68 5.45
N VAL B 128 5.86 -16.62 5.33
CA VAL B 128 5.34 -17.61 4.36
CA VAL B 128 6.04 -17.61 4.20
C VAL B 128 3.87 -17.96 4.04
C VAL B 128 4.71 -18.26 3.81
N VAL B 129 3.06 -18.20 5.09
N VAL B 129 3.97 -18.73 4.81
CA VAL B 129 1.65 -18.54 4.93
CA VAL B 129 2.60 -19.16 4.61
C VAL B 129 0.77 -17.63 5.83
C VAL B 129 1.68 -18.36 5.52
N GLY B 130 -0.27 -17.09 5.24
N GLY B 130 0.53 -17.96 4.97
CA GLY B 130 -1.22 -16.32 6.02
CA GLY B 130 -0.44 -17.19 5.72
C GLY B 130 -2.64 -16.78 5.85
C GLY B 130 -1.91 -17.60 5.58
N GLU B 131 -3.38 -16.63 6.94
N GLU B 131 -2.65 -17.53 6.68
CA GLU B 131 -4.81 -16.78 6.98
CA GLU B 131 -4.09 -17.72 6.64
C GLU B 131 -5.24 -18.13 6.47
C GLU B 131 -4.43 -19.11 6.08
N ALA B 132 -4.52 -19.16 6.97
N ALA B 132 -3.72 -20.11 6.61
CA ALA B 132 -4.72 -20.55 6.56
CA ALA B 132 -3.88 -21.49 6.14
C ALA B 132 -5.82 -21.24 7.34
C ALA B 132 -4.92 -22.27 6.94
N PHE B 133 -6.45 -20.60 8.36
N PHE B 133 -5.42 -21.69 8.02
CA PHE B 133 -7.43 -21.25 9.23
CA PHE B 133 -6.46 -22.35 8.86
C PHE B 133 -8.84 -20.65 9.16
C PHE B 133 -7.90 -21.76 8.83
N ASN B 134 -9.85 -21.52 9.28
N ASN B 134 -8.89 -22.66 8.94
CA ASN B 134 -11.23 -21.14 9.44
CA ASN B 134 -10.30 -22.32 9.15
C ASN B 134 -11.41 -20.76 10.88
C ASN B 134 -10.51 -21.96 10.63
N GLU B 135 -12.50 -20.05 11.17
N GLU B 135 -11.60 -21.28 10.94
CA GLU B 135 -12.75 -19.67 12.55
CA GLU B 135 -11.92 -20.82 12.28
C GLU B 135 -12.94 -20.81 13.51
C GLU B 135 -12.10 -22.00 13.23
N ASP B 136 -13.40 -21.96 13.02
N ASP B 136 -12.45 -23.14 12.64
CA ASP B 136 -13.65 -23.13 13.84
CA ASP B 136 -12.67 -24.31 13.48
C ASP B 136 -12.35 -23.91 14.01
C ASP B 136 -11.40 -25.12 13.70
N GLY B 137 -11.26 -23.38 13.44
N GLY B 137 -10.32 -24.78 13.00
CA GLY B 137 -9.96 -24.07 13.60
CA GLY B 137 -8.99 -25.36 13.24
C GLY B 137 -9.55 -25.05 12.53
C GLY B 137 -8.49 -26.26 12.11
N SER B 138 -10.50 -25.37 11.68
N SER B 138 -9.37 -26.65 11.23
CA SER B 138 -10.11 -26.20 10.52
CA SER B 138 -8.89 -27.47 10.14
C SER B 138 -9.31 -25.41 9.47
C SER B 138 -8.13 -26.55 9.21
N LEU B 139 -8.69 -26.11 8.55
N LEU B 139 -7.42 -27.13 8.27
CA LEU B 139 -7.93 -25.40 7.51
CA LEU B 139 -6.76 -26.34 7.21
C LEU B 139 -8.87 -24.80 6.47
C LEU B 139 -7.82 -25.72 6.23
N ARG B 140 -8.61 -23.52 6.19
N ARG B 140 -7.64 -24.43 5.92
CA ARG B 140 -9.29 -22.80 5.13
CA ARG B 140 -8.61 -23.59 5.17
C ARG B 140 -9.00 -23.52 3.82
C ARG B 140 -8.85 -24.01 3.72
N GLN B 141 -10.09 -23.89 3.17
CA GLN B 141 -10.22 -24.51 1.83
C GLN B 141 -9.88 -23.52 0.71
N THR B 142 -8.60 -23.11 0.67
CA THR B 142 -8.09 -22.31 -0.42
C THR B 142 -7.64 -23.19 -1.59
N VAL B 143 -7.38 -22.49 -2.70
CA VAL B 143 -6.88 -23.13 -3.87
C VAL B 143 -5.66 -23.99 -3.52
N PHE B 144 -4.82 -23.56 -2.59
CA PHE B 144 -3.64 -24.34 -2.27
C PHE B 144 -3.95 -25.61 -1.50
N LEU B 145 -4.88 -25.54 -0.54
CA LEU B 145 -5.25 -26.80 0.19
C LEU B 145 -6.05 -27.76 -0.76
N ASN B 146 -6.93 -27.16 -1.57
CA ASN B 146 -7.89 -27.92 -2.46
C ASN B 146 -7.09 -28.69 -3.48
N VAL B 147 -6.08 -28.05 -4.01
CA VAL B 147 -5.31 -28.61 -5.12
C VAL B 147 -4.05 -29.35 -4.74
N ILE B 148 -3.25 -28.81 -3.82
CA ILE B 148 -2.03 -29.48 -3.39
C ILE B 148 -2.21 -30.38 -2.15
N GLY B 149 -3.26 -30.06 -1.38
N GLY B 149 -3.14 -30.09 -1.25
CA GLY B 149 -3.54 -30.75 -0.12
CA GLY B 149 -3.14 -30.87 -0.01
C GLY B 149 -2.90 -30.06 1.08
C GLY B 149 -1.97 -30.57 0.93
N GLU B 150 -2.98 -30.76 2.22
N GLU B 150 -1.87 -31.29 2.04
CA GLU B 150 -2.42 -30.36 3.52
CA GLU B 150 -1.07 -30.78 3.16
C GLU B 150 -1.01 -29.97 3.47
C GLU B 150 0.44 -30.60 3.03
N ASP B 151 -0.28 -30.69 2.63
N ASP B 151 1.07 -31.31 2.11
CA ASP B 151 1.10 -30.57 2.65
CA ASP B 151 2.50 -31.18 1.82
C ASP B 151 1.59 -29.25 2.02
C ASP B 151 2.96 -29.76 1.45
N TYR B 152 0.69 -28.43 1.55
N TYR B 152 2.02 -28.95 0.96
CA TYR B 152 1.15 -27.18 0.99
CA TYR B 152 2.42 -27.63 0.42
C TYR B 152 1.90 -26.35 2.01
C TYR B 152 3.08 -26.77 1.48
N ILE B 153 1.52 -26.51 3.28
N ILE B 153 2.74 -26.95 2.76
CA ILE B 153 2.10 -25.66 4.34
CA ILE B 153 3.27 -26.09 3.82
C ILE B 153 3.53 -26.12 4.61
C ILE B 153 4.70 -26.52 4.08
N PRO B 154 3.72 -27.44 4.87
N PRO B 154 4.95 -27.81 4.31
CA PRO B 154 5.10 -27.90 4.94
CA PRO B 154 6.35 -28.23 4.50
C PRO B 154 5.96 -27.53 3.74
C PRO B 154 7.27 -27.84 3.27
N ILE B 155 5.45 -27.71 2.53
N ILE B 155 6.74 -28.00 2.07
CA ILE B 155 6.21 -27.45 1.27
CA ILE B 155 7.57 -27.74 0.85
C ILE B 155 6.60 -25.96 1.29
C ILE B 155 7.84 -26.22 0.74
N ALA B 156 5.62 -25.11 1.63
N ALA B 156 6.82 -25.39 1.01
CA ALA B 156 5.87 -23.65 1.55
CA ALA B 156 7.01 -23.93 1.05
C ALA B 156 7.03 -23.29 2.49
C ALA B 156 8.14 -23.55 1.98
N PHE B 157 6.98 -23.86 3.72
N PHE B 157 8.09 -24.05 3.21
CA PHE B 157 8.03 -23.55 4.68
CA PHE B 157 9.10 -23.78 4.18
C PHE B 157 9.38 -24.11 4.32
C PHE B 157 10.48 -24.28 3.78
N GLN B 158 9.36 -25.35 3.89
N GLN B 158 10.52 -25.51 3.25
CA GLN B 158 10.55 -25.94 3.36
CA GLN B 158 11.74 -26.09 2.71
C GLN B 158 11.24 -25.14 2.21
C GLN B 158 12.39 -25.16 1.60
N THR B 159 10.41 -24.73 1.24
N THR B 159 11.54 -24.66 0.74
CA THR B 159 10.90 -23.99 0.06
CA THR B 159 11.97 -23.81 -0.36
C THR B 159 11.47 -22.67 0.57
C THR B 159 12.48 -22.48 0.17
N ALA B 160 10.79 -22.06 1.55
N ALA B 160 11.78 -21.93 1.16
CA ALA B 160 11.28 -20.74 2.07
CA ALA B 160 12.09 -20.62 1.65
C ALA B 160 12.78 -20.79 2.65
C ALA B 160 13.30 -20.80 2.41
N ARG B 161 13.22 -21.89 3.27
CA ARG B 161 14.46 -22.08 3.97
C ARG B 161 15.65 -22.15 3.08
N ALA B 162 15.44 -22.91 1.97
CA ALA B 162 16.39 -23.01 0.94
C ALA B 162 16.68 -21.72 0.30
N ALA B 163 15.66 -20.87 0.17
CA ALA B 163 15.86 -19.64 -0.60
C ALA B 163 16.62 -18.59 0.20
N ASP B 164 16.36 -18.54 1.50
CA ASP B 164 17.11 -17.57 2.30
C ASP B 164 17.26 -18.15 3.68
N PRO B 165 18.41 -18.83 3.93
CA PRO B 165 18.54 -19.42 5.27
C PRO B 165 18.74 -18.50 6.45
N ASN B 166 18.91 -17.21 6.17
CA ASN B 166 19.06 -16.22 7.24
C ASN B 166 17.74 -15.56 7.65
N ALA B 167 16.65 -15.82 6.91
CA ALA B 167 15.35 -15.19 7.21
C ALA B 167 14.54 -16.04 8.23
N LYS B 168 13.96 -15.45 9.24
CA LYS B 168 13.03 -16.11 10.08
C LYS B 168 11.72 -16.35 9.31
N LEU B 169 11.26 -17.61 9.35
CA LEU B 169 10.13 -18.10 8.56
C LEU B 169 8.90 -18.14 9.47
N TYR B 170 7.86 -17.38 9.20
CA TYR B 170 6.66 -17.39 9.96
C TYR B 170 5.16 -17.66 9.36
C TYR B 170 5.73 -18.16 9.14
N ILE B 171 4.21 -18.08 10.23
N ILE B 171 4.90 -18.86 9.87
CA ILE B 171 2.78 -18.24 9.88
CA ILE B 171 3.52 -19.07 9.46
C ILE B 171 1.95 -17.19 10.61
C ILE B 171 2.76 -17.99 10.20
N MET B 172 0.97 -16.62 9.95
N MET B 172 1.73 -17.47 9.55
CA MET B 172 0.16 -15.54 10.53
CA MET B 172 0.93 -16.41 10.14
C MET B 172 -1.34 -15.75 10.34
C MET B 172 -0.59 -16.72 10.04
N ASP B 173 -2.14 -15.19 11.27
N ASP B 173 -1.37 -16.13 10.96
CA ASP B 173 -3.59 -15.19 11.16
CA ASP B 173 -2.81 -16.24 10.89
C ASP B 173 -4.23 -14.16 12.11
C ASP B 173 -3.46 -15.19 11.77
N TYR B 174 -5.50 -13.95 11.86
N TYR B 174 -4.78 -15.02 11.58
CA TYR B 174 -6.24 -13.00 12.65
CA TYR B 174 -5.57 -14.12 12.34
C TYR B 174 -7.26 -13.77 13.49
C TYR B 174 -6.54 -14.93 13.18
N ASN B 175 -7.91 -13.06 14.43
N ASN B 175 -7.22 -14.25 14.05
CA ASN B 175 -8.81 -13.57 15.44
CA ASN B 175 -8.16 -14.85 15.03
C ASN B 175 -8.13 -14.65 16.26
C ASN B 175 -7.49 -15.86 15.93
N LEU B 176 -6.89 -14.38 16.67
N LEU B 176 -6.23 -15.58 16.27
CA LEU B 176 -6.16 -15.15 17.67
CA LEU B 176 -5.43 -16.33 17.24
C LEU B 176 -6.02 -14.36 18.98
C LEU B 176 -5.32 -15.48 18.52
N ASP B 177 -7.05 -13.59 19.23
N ASP B 177 -6.41 -14.76 18.80
CA ASP B 177 -7.02 -12.57 20.28
CA ASP B 177 -6.41 -13.72 19.83
C ASP B 177 -7.61 -13.05 21.57
C ASP B 177 -6.94 -14.20 21.18
N SER B 178 -8.28 -14.18 21.57
N SER B 178 -7.50 -15.39 21.22
CA SER B 178 -8.82 -14.67 22.82
CA SER B 178 -8.07 -15.90 22.47
C SER B 178 -8.38 -16.07 23.05
C SER B 178 -7.56 -17.32 22.65
N ALA B 179 -8.02 -16.40 24.28
N ALA B 179 -7.13 -17.69 23.85
CA ALA B 179 -7.59 -17.77 24.58
CA ALA B 179 -6.61 -19.05 24.16
C ALA B 179 -8.68 -18.84 24.53
C ALA B 179 -7.69 -20.11 23.97
N SER B 180 -9.95 -18.47 24.50
N SER B 180 -8.96 -19.75 24.15
CA SER B 180 -11.04 -19.42 24.49
CA SER B 180 -10.02 -20.74 24.09
C SER B 180 -11.60 -19.62 23.07
C SER B 180 -10.56 -20.98 22.68
N TYR B 181 -11.02 -18.90 22.10
N TYR B 181 -10.14 -20.16 21.71
CA TYR B 181 -11.49 -18.99 20.70
CA TYR B 181 -10.62 -20.29 20.34
C TYR B 181 -10.95 -20.27 20.03
C TYR B 181 -10.01 -21.52 19.66
N PRO B 182 -11.83 -20.98 19.26
N PRO B 182 -10.82 -22.33 19.00
CA PRO B 182 -11.34 -22.22 18.64
CA PRO B 182 -10.26 -23.53 18.40
C PRO B 182 -10.19 -22.00 17.74
C PRO B 182 -9.09 -23.28 17.42
N LYS B 183 -10.12 -20.83 17.10
N LYS B 183 -9.12 -22.17 16.70
CA LYS B 183 -9.04 -20.59 16.12
CA LYS B 183 -8.08 -21.85 15.72
C LYS B 183 -7.68 -20.52 16.81
C LYS B 183 -6.71 -21.73 16.37
N THR B 184 -7.62 -19.92 17.99
N THR B 184 -6.68 -21.18 17.56
CA THR B 184 -6.40 -19.71 18.72
CA THR B 184 -5.43 -20.89 18.27
C THR B 184 -5.81 -21.03 19.16
C THR B 184 -4.77 -22.21 18.68
N GLN B 185 -6.66 -21.85 19.80
N GLN B 185 -5.53 -23.11 19.29
CA GLN B 185 -6.23 -23.18 20.19
CA GLN B 185 -4.97 -24.41 19.70
C GLN B 185 -5.88 -24.04 18.98
C GLN B 185 -4.58 -25.20 18.44
N ALA B 186 -6.61 -23.86 17.88
N ALA B 186 -5.38 -25.05 17.39
CA ALA B 186 -6.33 -24.66 16.68
CA ALA B 186 -5.16 -25.80 16.19
C ALA B 186 -4.98 -24.41 16.09
C ALA B 186 -3.83 -25.46 15.54
N ILE B 187 -4.67 -23.13 15.88
N ILE B 187 -3.48 -24.20 15.39
CA ILE B 187 -3.38 -22.76 15.31
CA ILE B 187 -2.21 -23.86 14.79
C ILE B 187 -2.24 -23.26 16.22
C ILE B 187 -1.03 -24.26 15.65
N VAL B 188 -2.34 -23.21 17.57
N VAL B 188 -1.18 -24.19 16.96
CA VAL B 188 -1.15 -23.60 18.34
CA VAL B 188 -0.15 -24.63 17.85
C VAL B 188 -1.04 -25.16 18.28
C VAL B 188 0.14 -26.16 17.60
N ASN B 189 -2.19 -25.84 18.20
N ASN B 189 -0.90 -26.97 17.57
CA ASN B 189 -2.12 -27.25 17.99
CA ASN B 189 -0.65 -28.43 17.41
C ASN B 189 -1.51 -27.71 16.65
C ASN B 189 0.00 -28.77 16.08
N ARG B 190 -1.92 -27.11 15.51
N ARG B 190 -0.45 -28.10 15.02
CA ARG B 190 -1.33 -27.55 14.26
CA ARG B 190 0.13 -28.41 13.73
C ARG B 190 0.11 -27.08 14.16
C ARG B 190 1.53 -27.94 13.63
N VAL B 191 0.44 -25.89 14.73
N VAL B 191 1.81 -26.75 14.18
CA VAL B 191 1.83 -25.39 14.70
CA VAL B 191 3.19 -26.33 14.14
C VAL B 191 2.73 -26.32 15.52
C VAL B 191 4.08 -27.25 14.99
N LYS B 192 2.29 -26.72 16.71
N LYS B 192 3.63 -27.71 16.14
CA LYS B 192 3.01 -27.72 17.53
CA LYS B 192 4.47 -28.62 16.92
C LYS B 192 3.26 -28.99 16.71
C LYS B 192 4.85 -29.84 16.04
N GLN B 193 2.23 -29.51 16.06
N GLN B 193 3.85 -30.38 15.35
CA GLN B 193 2.41 -30.74 15.29
CA GLN B 193 4.11 -31.57 14.58
C GLN B 193 3.28 -30.51 14.08
C GLN B 193 5.00 -31.29 13.38
N TRP B 194 3.11 -29.40 13.34
N TRP B 194 4.76 -30.22 12.62
CA TRP B 194 4.01 -29.16 12.27
CA TRP B 194 5.64 -29.85 11.53
C TRP B 194 5.44 -29.10 12.70
C TRP B 194 7.08 -29.66 12.00
N ARG B 195 5.74 -28.44 13.79
N ARG B 195 7.28 -29.02 13.13
CA ARG B 195 7.12 -28.34 14.26
CA ARG B 195 8.64 -28.80 13.59
C ARG B 195 7.61 -29.70 14.73
C ARG B 195 9.30 -30.10 14.02
N ALA B 196 6.73 -30.46 15.36
N ALA B 196 8.53 -30.97 14.69
CA ALA B 196 7.09 -31.84 15.76
CA ALA B 196 9.08 -32.31 15.03
C ALA B 196 7.42 -32.78 14.59
C ALA B 196 9.62 -33.08 13.84
N ALA B 197 7.04 -32.34 13.39
N ALA B 197 8.98 -32.84 12.71
CA ALA B 197 7.35 -33.07 12.18
CA ALA B 197 9.34 -33.54 11.47
C ALA B 197 8.41 -32.33 11.38
C ALA B 197 10.40 -32.80 10.72
N GLY B 198 9.11 -31.42 12.04
N GLY B 198 10.93 -31.70 11.24
CA GLY B 198 10.28 -30.80 11.49
CA GLY B 198 12.03 -30.96 10.67
C GLY B 198 10.05 -29.66 10.53
C GLY B 198 11.65 -29.85 9.68
N VAL B 199 8.78 -29.18 10.45
N VAL B 199 10.35 -29.52 9.58
CA VAL B 199 8.49 -28.01 9.60
CA VAL B 199 9.89 -28.37 8.80
C VAL B 199 9.10 -26.76 10.23
C VAL B 199 10.46 -27.10 9.51
N PRO B 200 9.84 -25.97 9.43
N PRO B 200 11.13 -26.23 8.72
CA PRO B 200 10.63 -24.88 9.93
CA PRO B 200 11.80 -25.07 9.33
C PRO B 200 9.73 -23.61 10.14
C PRO B 200 10.89 -23.87 9.56
N ILE B 201 8.75 -23.65 11.07
N ILE B 201 9.97 -24.05 10.49
CA ILE B 201 7.98 -22.46 11.45
CA ILE B 201 9.13 -22.97 10.93
C ILE B 201 8.65 -21.86 12.62
C ILE B 201 9.71 -22.25 12.15
N ASP B 202 9.30 -20.73 12.36
N ASP B 202 10.32 -21.10 11.92
CA ASP B 202 9.99 -19.97 13.40
CA ASP B 202 10.98 -20.35 12.98
C ASP B 202 9.06 -19.06 14.25
C ASP B 202 10.01 -19.49 13.83
N GLY B 203 7.90 -18.68 13.72
N GLY B 203 8.83 -19.22 13.31
CA GLY B 203 7.03 -17.79 14.45
CA GLY B 203 7.94 -18.31 13.99
C GLY B 203 5.59 -17.85 14.08
C GLY B 203 6.49 -18.46 13.69
N ILE B 204 4.77 -17.44 15.05
N ILE B 204 5.66 -18.07 14.66
CA ILE B 204 3.35 -17.19 14.83
CA ILE B 204 4.22 -17.88 14.43
C ILE B 204 3.19 -15.66 14.93
C ILE B 204 3.91 -16.40 14.63
N GLY B 205 2.71 -15.15 13.81
N GLY B 205 3.28 -15.84 13.62
CA GLY B 205 2.43 -13.82 13.48
CA GLY B 205 2.77 -14.46 13.82
C GLY B 205 0.97 -13.70 13.76
C GLY B 205 1.25 -14.21 13.95
N SER B 206 0.75 -13.30 14.90
CA SER B 206 -0.64 -13.12 15.21
C SER B 206 -1.11 -11.81 14.65
N GLN B 207 -1.67 -12.07 13.44
N GLN B 207 -2.11 -11.65 13.72
CA GLN B 207 -2.23 -10.92 12.77
CA GLN B 207 -2.65 -10.37 13.11
C GLN B 207 -3.39 -10.41 13.60
C GLN B 207 -3.84 -9.80 13.94
N THR B 208 -3.07 -9.43 14.36
N THR B 208 -3.70 -8.64 14.66
CA THR B 208 -3.89 -9.18 15.51
CA THR B 208 -4.51 -8.29 15.80
C THR B 208 -4.86 -8.04 15.16
C THR B 208 -5.37 -7.06 15.47
N HIS B 209 -6.00 -8.29 14.57
N HIS B 209 -6.55 -7.31 15.14
CA HIS B 209 -7.07 -7.26 14.28
CA HIS B 209 -7.50 -6.17 14.81
C HIS B 209 -8.18 -7.36 15.36
C HIS B 209 -8.58 -6.17 15.85
N LEU B 210 -8.21 -6.38 16.28
N LEU B 210 -8.58 -5.18 16.75
CA LEU B 210 -9.01 -6.50 17.46
CA LEU B 210 -9.44 -5.29 17.93
C LEU B 210 -10.22 -5.61 17.39
C LEU B 210 -10.56 -4.33 17.87
N SER B 211 -11.33 -6.08 17.95
N SER B 211 -11.64 -4.71 18.55
CA SER B 211 -12.43 -5.15 18.25
CA SER B 211 -12.72 -3.78 18.87
C SER B 211 -12.22 -4.66 19.72
C SER B 211 -12.50 -3.29 20.30
N ALA B 212 -13.00 -3.67 20.15
N ALA B 212 -13.19 -2.22 20.71
CA ALA B 212 -12.85 -3.11 21.46
CA ALA B 212 -13.01 -1.65 22.03
C ALA B 212 -12.97 -4.15 22.59
C ALA B 212 -13.15 -2.72 23.15
N GLY B 213 -11.99 -4.15 23.50
N GLY B 213 -12.22 -2.67 24.08
CA GLY B 213 -12.00 -5.05 24.63
CA GLY B 213 -12.12 -3.56 25.26
C GLY B 213 -11.27 -6.37 24.43
C GLY B 213 -11.49 -4.96 25.04
N GLN B 214 -10.81 -6.66 23.22
N GLN B 214 -11.14 -5.27 23.79
CA GLN B 214 -10.15 -7.93 22.97
CA GLN B 214 -10.53 -6.54 23.47
C GLN B 214 -8.67 -7.94 23.30
C GLN B 214 -9.04 -6.63 23.73
N GLY B 215 -8.06 -6.83 23.71
N GLY B 215 -8.41 -5.53 24.12
CA GLY B 215 -6.64 -6.78 24.02
CA GLY B 215 -6.98 -5.52 24.47
C GLY B 215 -6.31 -7.70 25.19
C GLY B 215 -6.66 -6.50 25.59
N ALA B 216 -7.11 -7.67 26.26
N ALA B 216 -7.50 -6.52 26.63
CA ALA B 216 -6.92 -8.50 27.42
CA ALA B 216 -7.23 -7.36 27.78
C ALA B 216 -6.66 -9.98 27.08
C ALA B 216 -7.08 -8.84 27.44
N GLY B 217 -7.43 -10.59 26.17
N GLY B 217 -7.91 -9.34 26.53
CA GLY B 217 -7.32 -12.06 25.84
CA GLY B 217 -7.90 -10.77 26.13
C GLY B 217 -5.99 -12.37 25.24
C GLY B 217 -6.51 -11.20 25.64
N VAL B 218 -5.34 -11.45 24.54
N VAL B 218 -5.80 -10.33 24.95
CA VAL B 218 -4.02 -11.70 23.95
CA VAL B 218 -4.52 -10.64 24.36
C VAL B 218 -3.03 -12.10 25.03
C VAL B 218 -3.49 -11.02 25.42
N LEU B 219 -3.21 -11.65 26.27
N LEU B 219 -3.70 -10.53 26.64
CA LEU B 219 -2.31 -11.99 27.36
CA LEU B 219 -2.81 -10.91 27.74
C LEU B 219 -2.27 -13.51 27.65
C LEU B 219 -2.84 -12.42 28.05
N GLN B 220 -3.34 -14.21 27.33
N GLN B 220 -3.96 -13.09 27.74
CA GLN B 220 -3.30 -15.72 27.38
CA GLN B 220 -3.98 -14.60 27.86
C GLN B 220 -3.10 -16.37 26.01
C GLN B 220 -3.81 -15.33 26.52
N ALA B 221 -3.54 -15.71 24.94
N ALA B 221 -4.26 -14.67 25.45
CA ALA B 221 -3.37 -16.37 23.61
CA ALA B 221 -4.12 -15.25 24.10
C ALA B 221 -1.94 -16.43 23.14
C ALA B 221 -2.67 -15.36 23.64
N LEU B 222 -1.18 -15.40 23.40
N LEU B 222 -1.85 -14.32 23.84
CA LEU B 222 0.19 -15.35 22.90
CA LEU B 222 -0.46 -14.37 23.33
C LEU B 222 1.06 -16.38 23.64
C LEU B 222 0.36 -15.42 24.02
N PRO B 223 0.90 -16.53 24.98
N PRO B 223 0.25 -15.54 25.35
CA PRO B 223 1.67 -17.64 25.57
CA PRO B 223 0.93 -16.69 25.97
C PRO B 223 1.24 -19.00 24.99
C PRO B 223 0.54 -18.05 25.43
N LEU B 224 -0.04 -19.18 24.69
N LEU B 224 -0.75 -18.20 25.15
CA LEU B 224 -0.42 -20.45 24.07
CA LEU B 224 -1.23 -19.44 24.54
C LEU B 224 0.27 -20.60 22.71
C LEU B 224 -0.59 -19.64 23.20
N LEU B 225 0.36 -19.56 21.89
N LEU B 225 -0.53 -18.62 22.34
CA LEU B 225 1.01 -19.66 20.60
CA LEU B 225 0.13 -18.76 21.08
C LEU B 225 2.47 -20.02 20.82
C LEU B 225 1.58 -19.19 21.29
N ALA B 226 3.10 -19.42 21.82
N ALA B 226 2.27 -18.63 22.28
CA ALA B 226 4.50 -19.61 22.09
CA ALA B 226 3.67 -18.91 22.60
C ALA B 226 4.71 -21.07 22.54
C ALA B 226 3.83 -20.33 23.05
N SER B 227 3.69 -21.76 23.06
N SER B 227 2.74 -20.94 23.52
CA SER B 227 3.85 -23.18 23.47
CA SER B 227 2.81 -22.34 23.97
C SER B 227 4.07 -24.19 22.34
C SER B 227 2.98 -23.32 22.83
N ALA B 228 3.94 -23.73 21.10
N ALA B 228 2.81 -22.87 21.59
CA ALA B 228 4.23 -24.54 19.93
CA ALA B 228 3.13 -23.70 20.42
C ALA B 228 5.72 -24.77 19.80
C ALA B 228 4.61 -24.05 20.35
N GLY B 229 6.53 -23.97 20.48
N GLY B 229 5.45 -23.31 21.01
CA GLY B 229 7.97 -24.15 20.55
CA GLY B 229 6.90 -23.58 21.06
C GLY B 229 8.81 -23.50 19.47
C GLY B 229 7.77 -22.99 19.94
N THR B 230 8.20 -22.67 18.64
N THR B 230 7.21 -22.14 19.10
CA THR B 230 8.97 -21.88 17.71
CA THR B 230 7.95 -21.41 18.08
C THR B 230 9.98 -20.99 18.40
C THR B 230 8.94 -20.49 18.76
N PRO B 231 11.13 -20.75 17.74
N PRO B 231 10.11 -20.30 18.14
CA PRO B 231 12.09 -19.87 18.34
CA PRO B 231 11.10 -19.46 18.77
C PRO B 231 11.48 -18.43 18.58
C PRO B 231 10.62 -18.01 19.00
N GLU B 232 10.57 -18.00 17.70
N GLU B 232 9.72 -17.55 18.12
CA GLU B 232 10.02 -16.65 17.79
CA GLU B 232 9.19 -16.23 18.17
C GLU B 232 8.52 -16.70 17.66
C GLU B 232 7.68 -16.22 18.00
N VAL B 233 7.87 -15.74 18.29
N VAL B 233 7.07 -15.18 18.60
CA VAL B 233 6.50 -15.38 17.91
CA VAL B 233 5.71 -14.79 18.25
C VAL B 233 6.44 -13.84 17.74
C VAL B 233 5.72 -13.23 18.13
N SER B 234 5.41 -13.37 17.07
N SER B 234 4.74 -12.72 17.46
CA SER B 234 5.24 -11.93 16.91
CA SER B 234 4.60 -11.27 17.29
C SER B 234 3.78 -11.56 16.92
C SER B 234 3.12 -10.80 17.26
N ILE B 235 3.53 -10.26 17.19
N ILE B 235 2.94 -9.54 17.59
CA ILE B 235 2.24 -9.63 16.98
CA ILE B 235 1.70 -8.78 17.31
C ILE B 235 2.43 -8.84 15.68
C ILE B 235 1.93 -8.00 16.01
N LEU B 236 1.53 -9.04 14.74
N LEU B 236 1.08 -8.21 15.01
CA LEU B 236 1.64 -8.47 13.46
CA LEU B 236 1.28 -7.54 13.69
C LEU B 236 0.40 -7.75 13.01
C LEU B 236 -0.01 -6.87 13.22
N MET B 237 0.53 -6.71 12.16
N MET B 237 0.13 -5.91 12.33
CA MET B 237 -0.60 -6.12 11.49
CA MET B 237 -1.01 -5.22 11.80
C MET B 237 -1.61 -5.62 12.56
C MET B 237 -2.02 -4.78 12.87
N LEU B 238 -1.10 -5.22 13.68
N LEU B 238 -1.50 -4.30 13.97
CA LEU B 238 -1.99 -4.84 14.80
CA LEU B 238 -2.32 -3.90 15.12
C LEU B 238 -2.83 -3.61 14.50
C LEU B 238 -3.10 -2.62 14.86
N ASP B 239 -4.11 -3.75 14.77
N ASP B 239 -4.37 -2.72 15.13
CA ASP B 239 -4.99 -2.57 14.87
CA ASP B 239 -5.19 -1.51 15.27
C ASP B 239 -6.12 -2.91 15.85
C ASP B 239 -6.34 -1.81 16.23
N VAL B 240 -6.77 -1.91 16.43
N VAL B 240 -6.89 -0.78 16.86
CA VAL B 240 -7.76 -2.17 17.50
CA VAL B 240 -7.93 -0.97 17.86
C VAL B 240 -8.87 -1.17 17.29
C VAL B 240 -9.03 0.06 17.69
N ALA B 241 -10.07 -1.66 16.96
N ALA B 241 -10.25 -0.35 17.38
CA ALA B 241 -11.19 -0.70 16.84
CA ALA B 241 -11.39 0.60 17.26
C ALA B 241 -11.31 0.17 18.10
C ALA B 241 -11.45 1.46 18.52
N GLY B 242 -11.37 1.48 17.89
N GLY B 242 -11.44 2.78 18.30
CA GLY B 242 -11.39 2.44 18.99
CA GLY B 242 -11.45 3.77 19.40
C GLY B 242 -10.07 2.87 19.60
C GLY B 242 -10.08 4.10 19.94
N ALA B 243 -8.98 2.07 19.37
N ALA B 243 -9.11 3.24 19.69
CA ALA B 243 -7.62 2.38 19.86
CA ALA B 243 -7.73 3.36 20.10
C ALA B 243 -7.46 2.94 21.37
C ALA B 243 -7.68 3.47 21.58
N SER B 244 -8.28 2.47 22.29
CA SER B 244 -8.21 2.75 23.71
C SER B 244 -6.81 2.42 24.24
N PRO B 245 -6.35 3.07 25.21
N PRO B 245 -6.30 3.44 25.05
CA PRO B 245 -5.12 2.61 25.74
CA PRO B 245 -5.02 3.42 25.83
C PRO B 245 -5.13 1.17 26.34
C PRO B 245 -4.98 2.16 26.60
N THR B 246 -6.26 0.74 26.90
N THR B 246 -6.06 1.85 27.32
CA THR B 246 -6.36 -0.56 27.57
CA THR B 246 -6.12 0.61 28.03
C THR B 246 -6.04 -1.72 26.63
C THR B 246 -5.95 -0.56 27.05
N ASP B 247 -6.71 -1.70 25.47
N ASP B 247 -6.63 -0.52 25.92
CA ASP B 247 -6.47 -2.81 24.51
CA ASP B 247 -6.54 -1.57 24.92
C ASP B 247 -5.00 -2.84 24.04
C ASP B 247 -5.13 -1.68 24.36
N TYR B 248 -4.51 -1.69 23.62
N TYR B 248 -4.54 -0.57 23.95
CA TYR B 248 -3.15 -1.59 23.16
CA TYR B 248 -3.22 -0.60 23.33
C TYR B 248 -2.12 -1.76 24.27
C TYR B 248 -2.11 -1.26 24.20
N VAL B 249 -2.24 -1.07 25.46
CA VAL B 249 -1.26 -1.43 26.50
C VAL B 249 -1.28 -2.94 26.85
N ASN B 250 -2.42 -3.70 26.68
N ASN B 250 -2.50 -3.39 27.04
CA ASN B 250 -2.54 -5.21 26.89
CA ASN B 250 -2.71 -4.71 27.35
C ASN B 250 -1.79 -6.03 25.87
C ASN B 250 -2.03 -5.41 26.20
N VAL B 251 -2.02 -5.82 24.55
N VAL B 251 -2.06 -4.78 25.01
CA VAL B 251 -1.29 -6.55 23.52
CA VAL B 251 -1.40 -5.45 23.89
C VAL B 251 0.17 -6.28 23.68
C VAL B 251 0.13 -5.39 24.02
N VAL B 252 0.57 -5.05 23.96
N VAL B 252 0.69 -4.22 24.26
CA VAL B 252 1.97 -4.78 24.18
CA VAL B 252 2.12 -4.06 24.52
C VAL B 252 2.48 -5.50 25.42
C VAL B 252 2.63 -5.06 25.58
N ASN B 253 1.83 -5.33 26.59
CA ASN B 253 2.22 -6.16 27.73
C ASN B 253 2.19 -7.68 27.49
N ALA B 254 1.32 -8.22 26.61
CA ALA B 254 1.29 -9.61 26.18
C ALA B 254 2.65 -9.90 25.59
N CYS B 255 3.10 -9.00 24.69
N CYS B 255 3.15 -9.08 24.67
CA CYS B 255 4.41 -9.22 24.12
CA CYS B 255 4.46 -9.40 24.08
C CYS B 255 5.51 -9.23 25.17
C CYS B 255 5.61 -9.21 25.11
N LEU B 256 5.49 -8.22 26.01
CA LEU B 256 6.48 -8.10 27.11
C LEU B 256 6.49 -9.33 28.03
N ASN B 257 5.34 -9.91 28.24
CA ASN B 257 5.23 -11.11 29.10
C ASN B 257 5.65 -12.40 28.47
N VAL B 258 5.77 -12.42 27.14
CA VAL B 258 6.10 -13.62 26.42
C VAL B 258 7.54 -13.53 25.95
N GLN B 259 8.39 -14.37 26.52
CA GLN B 259 9.79 -14.30 26.26
C GLN B 259 10.06 -14.41 24.75
N SER B 260 9.18 -15.13 24.06
N SER B 260 9.46 -15.37 24.04
CA SER B 260 9.29 -15.39 22.62
CA SER B 260 9.81 -15.60 22.63
C SER B 260 8.75 -14.26 21.73
C SER B 260 9.18 -14.54 21.71
N CYS B 261 7.99 -13.32 22.29
N CYS B 261 8.38 -13.65 22.23
CA CYS B 261 7.48 -12.18 21.47
CA CYS B 261 7.86 -12.58 21.38
C CYS B 261 8.64 -11.25 21.09
C CYS B 261 8.89 -11.52 21.12
N VAL B 262 9.13 -11.32 19.83
CA VAL B 262 10.18 -10.44 19.40
C VAL B 262 9.74 -8.99 19.19
N GLY B 263 8.43 -8.75 19.02
CA GLY B 263 7.97 -7.40 18.78
C GLY B 263 6.53 -7.28 18.35
N ILE B 264 6.15 -6.04 18.06
N ILE B 264 6.20 -6.02 18.04
CA ILE B 264 4.79 -5.68 17.74
CA ILE B 264 4.85 -5.52 17.82
C ILE B 264 4.87 -4.74 16.55
C ILE B 264 4.92 -4.72 16.53
N SER B 265 4.00 -4.91 15.59
CA SER B 265 3.87 -3.96 14.48
CA SER B 265 3.86 -3.97 14.49
C SER B 265 2.42 -3.54 14.34
N VAL B 266 2.23 -2.26 14.06
CA VAL B 266 0.90 -1.70 13.80
C VAL B 266 0.64 -1.61 12.31
N PHE B 267 -0.63 -1.61 11.94
CA PHE B 267 -1.01 -1.77 10.54
C PHE B 267 -1.24 -0.42 9.90
C PHE B 267 -0.73 -0.58 9.55
N GLY B 268 -0.32 0.47 10.10
CA GLY B 268 -0.24 1.76 9.51
C GLY B 268 0.12 2.78 10.57
N VAL B 269 0.38 4.00 10.12
CA VAL B 269 0.71 5.14 10.97
C VAL B 269 -0.52 5.88 11.48
N ALA B 270 -1.24 6.50 10.59
CA ALA B 270 -2.33 7.36 10.98
C ALA B 270 -3.71 6.84 10.59
N ASP B 271 -4.68 7.09 11.45
CA ASP B 271 -6.04 6.62 11.27
C ASP B 271 -6.68 6.74 9.85
N PRO B 272 -6.55 7.90 9.16
CA PRO B 272 -7.17 7.97 7.83
C PRO B 272 -6.61 7.02 6.80
N ASP B 273 -5.45 6.42 7.08
CA ASP B 273 -4.84 5.45 6.17
C ASP B 273 -5.06 4.04 6.52
N SER B 274 -5.93 3.84 7.55
CA SER B 274 -6.33 2.49 7.91
C SER B 274 -7.32 1.85 6.90
N TRP B 275 -7.24 0.54 6.71
CA TRP B 275 -8.29 -0.27 6.07
C TRP B 275 -9.62 -0.13 6.77
N ARG B 276 -9.62 0.28 8.02
CA ARG B 276 -10.88 0.51 8.81
C ARG B 276 -10.86 1.91 9.51
N ALA B 277 -10.55 2.85 8.67
N ALA B 277 -10.78 3.09 8.81
CA ALA B 277 -10.46 4.17 9.06
CA ALA B 277 -10.54 4.54 9.42
C ALA B 277 -11.64 4.46 9.96
C ALA B 277 -11.59 5.28 10.33
N SER B 278 -12.82 3.93 9.63
N SER B 278 -12.86 5.09 10.05
CA SER B 278 -14.00 4.37 10.39
CA SER B 278 -13.89 5.67 10.88
C SER B 278 -13.94 3.91 11.85
C SER B 278 -13.85 5.19 12.32
N THR B 279 -13.14 2.87 12.13
N THR B 279 -13.15 4.10 12.60
CA THR B 279 -12.95 2.40 13.49
CA THR B 279 -12.95 3.67 13.99
C THR B 279 -11.73 3.04 14.19
C THR B 279 -11.71 4.29 14.70
N THR B 280 -11.10 4.00 13.51
N THR B 280 -11.04 5.20 14.02
CA THR B 280 -9.95 4.68 14.03
CA THR B 280 -9.85 5.91 14.50
C THR B 280 -9.07 3.80 14.91
C THR B 280 -8.95 4.97 15.35
N PRO B 281 -8.43 2.81 14.26
N PRO B 281 -8.37 3.93 14.69
CA PRO B 281 -7.79 1.74 14.97
CA PRO B 281 -7.89 2.73 15.43
C PRO B 281 -6.26 2.02 15.19
C PRO B 281 -6.41 2.42 15.57
N LEU B 282 -5.67 3.26 14.95
CA LEU B 282 -4.22 3.36 14.98
C LEU B 282 -3.74 4.39 16.02
N LEU B 283 -2.43 4.59 16.06
CA LEU B 283 -1.76 5.30 17.13
C LEU B 283 -1.52 6.77 16.87
N PHE B 284 -1.72 7.20 15.61
CA PHE B 284 -1.64 8.59 15.24
C PHE B 284 -2.94 9.02 14.57
N ASP B 285 -3.39 10.27 14.82
CA ASP B 285 -4.64 10.72 14.33
C ASP B 285 -4.55 11.23 12.91
N GLY B 286 -5.70 11.68 12.39
CA GLY B 286 -5.79 12.28 11.10
C GLY B 286 -5.01 13.56 10.89
N ASN B 287 -4.50 14.22 11.93
CA ASN B 287 -3.58 15.30 11.88
C ASN B 287 -2.13 14.89 12.21
N PHE B 288 -1.89 13.56 12.27
CA PHE B 288 -0.60 12.97 12.57
C PHE B 288 -0.04 13.23 13.98
N ASN B 289 -0.96 13.55 14.89
N ASN B 289 -0.89 13.63 14.89
CA ASN B 289 -0.63 13.70 16.33
CA ASN B 289 -0.33 13.87 16.22
C ASN B 289 -0.56 12.36 16.94
C ASN B 289 -0.53 12.49 16.95
N PRO B 290 0.35 12.19 17.90
CA PRO B 290 0.24 10.98 18.68
C PRO B 290 -1.03 11.02 19.58
N LYS B 291 -1.73 9.89 19.52
CA LYS B 291 -2.97 9.80 20.26
C LYS B 291 -2.72 9.34 21.70
N PRO B 292 -3.75 9.53 22.56
CA PRO B 292 -3.61 9.01 23.93
C PRO B 292 -3.02 7.56 23.99
N ALA B 293 -3.40 6.62 23.09
CA ALA B 293 -2.86 5.23 23.13
C ALA B 293 -1.34 5.17 22.86
N TYR B 294 -0.87 6.04 21.98
CA TYR B 294 0.61 6.12 21.76
C TYR B 294 1.28 6.60 23.10
N ASN B 295 0.74 7.63 23.74
CA ASN B 295 1.31 8.23 24.94
C ASN B 295 1.21 7.22 26.08
N ALA B 296 0.15 6.40 26.08
CA ALA B 296 0.01 5.36 27.08
C ALA B 296 0.99 4.21 26.94
N ILE B 297 1.27 3.87 25.69
CA ILE B 297 2.31 2.88 25.43
C ILE B 297 3.66 3.36 25.85
N VAL B 298 4.01 4.59 25.52
CA VAL B 298 5.23 5.22 25.98
C VAL B 298 5.37 5.17 27.50
N GLN B 299 4.34 5.58 28.21
CA GLN B 299 4.39 5.57 29.70
C GLN B 299 4.53 4.14 30.24
N ASP B 300 3.85 3.18 29.62
CA ASP B 300 3.96 1.78 30.00
C ASP B 300 5.35 1.23 29.83
N LEU B 301 5.93 1.57 28.68
CA LEU B 301 7.29 1.11 28.39
C LEU B 301 8.44 1.82 29.14
N GLN B 302 8.24 3.04 29.58
CA GLN B 302 9.22 3.77 30.34
C GLN B 302 9.37 3.07 31.66
N GLN B 303 10.59 3.05 32.15
N1 3NY C . -0.24 11.77 -13.92
N1 3NY C . -4.18 14.53 -11.46
N2 3NY C . -0.56 12.21 -15.23
N2 3NY C . -4.64 15.17 -12.63
N3 3NY C . -1.52 13.18 -15.10
N3 3NY C . -3.81 14.82 -13.70
C4 3NY C . -2.76 14.02 -13.18
C4 3NY C . -1.82 13.38 -13.76
C5 3NY C . -2.94 13.98 -11.80
C5 3NY C . -1.02 12.59 -12.96
C6 3NY C . -2.11 13.16 -11.02
C6 3NY C . -1.17 12.42 -11.60
C7 3NY C . -1.17 12.37 -11.65
C7 3NY C . -2.24 13.08 -11.02
O11 3NY C . -3.86 14.89 -9.92
O11 3NY C . 0.92 11.55 -13.19
O21 3NY C . -4.65 15.53 -11.78
O21 3NY C . -0.25 11.98 -14.93
C3A 3NY C . -1.81 13.26 -13.82
C3A 3NY C . -2.89 14.01 -13.17
C7A 3NY C . -1.05 12.35 -13.04
C7A 3NY C . -3.08 13.86 -11.80
NO1 3NY C . -3.87 14.82 -11.13
NO1 3NY C . -0.07 12.02 -13.72
C ACT D . -4.63 16.64 -18.38
O ACT D . -3.53 17.24 -18.09
OXT ACT D . -5.77 17.16 -18.05
CH3 ACT D . -4.52 15.35 -19.09
C ACT E . 13.80 -4.12 -12.29
O ACT E . 12.77 -4.34 -11.51
OXT ACT E . 13.68 -4.42 -13.48
CH3 ACT E . 14.79 -3.03 -11.98
C ACT F . 16.46 0.40 -28.48
O ACT F . 17.12 0.39 -27.41
OXT ACT F . 15.23 -0.08 -28.47
CH3 ACT F . 17.32 1.06 -29.54
S SO4 G . -4.25 15.21 -35.75
O1 SO4 G . -3.50 13.94 -35.51
O2 SO4 G . -3.61 15.95 -36.82
O3 SO4 G . -5.56 14.85 -36.29
O4 SO4 G . -4.40 16.09 -34.57
S SO4 H . 0.55 -9.31 -18.71
O1 SO4 H . 1.69 -9.60 -17.80
O2 SO4 H . 0.20 -10.63 -19.28
O3 SO4 H . -0.55 -8.78 -17.90
O4 SO4 H . 0.89 -8.18 -19.55
N1 3NY I . 2.92 -8.68 4.78
N2 3NY I . 3.48 -9.84 5.32
N3 3NY I . 3.66 -9.70 6.69
C4 3NY I . 3.14 -7.79 8.16
C5 3NY I . 2.64 -6.50 8.17
C6 3NY I . 2.15 -5.88 7.00
C7 3NY I . 2.20 -6.52 5.79
O11 3NY I . 1.83 -4.80 9.39
O21 3NY I . 3.03 -6.34 10.42
C3A 3NY I . 3.21 -8.46 6.95
C7A 3NY I . 2.73 -7.82 5.78
NO1 3NY I . 2.52 -5.86 9.38
C ACT J . 6.10 -12.12 11.28
O ACT J . 6.43 -11.49 12.36
OXT ACT J . 4.94 -12.66 11.15
CH3 ACT J . 7.12 -12.30 10.21
#